data_8CJY
#
_entry.id   8CJY
#
_cell.length_a   89.730
_cell.length_b   72.290
_cell.length_c   103.040
_cell.angle_alpha   90.00
_cell.angle_beta   96.95
_cell.angle_gamma   90.00
#
_symmetry.space_group_name_H-M   'P 1 21 1'
#
loop_
_entity.id
_entity.type
_entity.pdbx_description
1 polymer 'Iron hydrogenase 1'
2 non-polymer dicarbonyl[bis(cyanide-kappaC)]-mu-(iminodimethanethiolatato-1kappaS:2kappaS)-mu-(oxomethylidene)diiron(2+)
3 non-polymer 'IRON/SULFUR CLUSTER'
4 non-polymer 'FE2/S2 (INORGANIC) CLUSTER'
5 non-polymer 'MAGNESIUM ION'
6 non-polymer GLYCEROL
7 non-polymer 'CHLORIDE ION'
8 water water
#
_entity_poly.entity_id   1
_entity_poly.type   'polypeptide(L)'
_entity_poly.pdbx_seq_one_letter_code
;MKTIIINGVQFNTDEDTTILKFARDNNIDISALCFLNNCNNDINKCEICTVEVEGTGLVTACDTLIEDGMIINTNSDAVN
EKIKSRISQLLDIHEFKCGPCNRRENCEFLKLVIKYKARASKPFLPKDKTEYVDERSKSLTVDRTKCLLCGRCVNACGKN
TETYAMKFLNKNGKTIIGAEDEKCFDDTNCLLCGQCIIACPVAALSEKSHMDRVKNALNAPEKHVIVAMAPSVRASIGEL
FNMGFGVDVTGKIYTALRQLGFDKIFDINFGADMTIMEEATELVQRIENNGPFPMFTSCCPGWVRQAENYYPELLNNLSS
AKSPQQIFGTASKTYYPSISGLDPKNVFTVTVMPCTTKKFEADRPQMEKDGLRDIDAVITTRELAKMIKDAKIPFAKLED
SEADPAMGEYSGAGAIFGATGGVMEAALRSAKDFAENAELEDIEYKQVRGLNGIKEAEVEINNNKYNVAVINGASNLFKF
MKSGMINEKQYHFIEVMACHGGCVNGGGQPHVNPKDLEKVDIKKVRASVLYNQDEHLSKRKSHENTALVKMYQNYFGKPG
EGRAHEILHFKYKKSAWSHPQFEK
;
_entity_poly.pdbx_strand_id   A,B
#
loop_
_chem_comp.id
_chem_comp.type
_chem_comp.name
_chem_comp.formula
402 non-polymer dicarbonyl[bis(cyanide-kappaC)]-mu-(iminodimethanethiolatato-1kappaS:2kappaS)-mu-(oxomethylidene)diiron(2+) 'C7 H5 Fe2 N3 O3 S2 2'
CL non-polymer 'CHLORIDE ION' 'Cl -1'
FES non-polymer 'FE2/S2 (INORGANIC) CLUSTER' 'Fe2 S2'
GOL non-polymer GLYCEROL 'C3 H8 O3'
MG non-polymer 'MAGNESIUM ION' 'Mg 2'
SF4 non-polymer 'IRON/SULFUR CLUSTER' 'Fe4 S4'
#
# COMPACT_ATOMS: atom_id res chain seq x y z
N LYS A 2 -22.14 2.99 19.88
CA LYS A 2 -21.20 3.99 20.39
C LYS A 2 -21.94 5.32 20.58
N THR A 3 -21.76 5.94 21.74
CA THR A 3 -22.32 7.26 22.01
C THR A 3 -21.17 8.25 22.13
N ILE A 4 -21.19 9.27 21.27
CA ILE A 4 -20.12 10.25 21.18
C ILE A 4 -20.73 11.63 21.36
N ILE A 5 -20.06 12.49 22.12
CA ILE A 5 -20.47 13.88 22.28
C ILE A 5 -19.35 14.77 21.75
N ILE A 6 -19.68 15.61 20.78
CA ILE A 6 -18.72 16.54 20.20
C ILE A 6 -19.30 17.93 20.35
N ASN A 7 -18.58 18.80 21.06
CA ASN A 7 -19.04 20.17 21.32
C ASN A 7 -20.47 20.19 21.85
N GLY A 8 -20.78 19.27 22.75
CA GLY A 8 -22.08 19.21 23.38
C GLY A 8 -23.17 18.51 22.61
N VAL A 9 -22.90 18.06 21.38
CA VAL A 9 -23.88 17.39 20.55
C VAL A 9 -23.66 15.88 20.68
N GLN A 10 -24.74 15.15 20.90
CA GLN A 10 -24.66 13.70 21.06
C GLN A 10 -24.86 13.00 19.73
N PHE A 11 -24.03 12.00 19.48
CA PHE A 11 -24.19 11.12 18.32
C PHE A 11 -24.21 9.68 18.79
N ASN A 12 -24.99 8.86 18.11
CA ASN A 12 -24.99 7.42 18.32
C ASN A 12 -24.65 6.78 16.99
N THR A 13 -23.59 5.98 16.98
CA THR A 13 -23.05 5.47 15.73
C THR A 13 -22.40 4.12 15.95
N ASP A 14 -22.42 3.30 14.91
CA ASP A 14 -21.64 2.06 14.88
C ASP A 14 -20.38 2.20 14.04
N GLU A 15 -20.08 3.40 13.56
CA GLU A 15 -18.89 3.60 12.74
C GLU A 15 -17.64 3.30 13.54
N ASP A 16 -16.63 2.77 12.85
CA ASP A 16 -15.27 2.62 13.37
C ASP A 16 -14.41 3.50 12.48
N THR A 17 -14.17 4.73 12.93
CA THR A 17 -13.45 5.71 12.13
C THR A 17 -12.73 6.65 13.07
N THR A 18 -11.99 7.60 12.50
CA THR A 18 -11.28 8.57 13.31
C THR A 18 -12.19 9.72 13.69
N ILE A 19 -11.81 10.42 14.75
CA ILE A 19 -12.51 11.66 15.13
C ILE A 19 -12.60 12.60 13.94
N LEU A 20 -11.50 12.77 13.22
CA LEU A 20 -11.49 13.70 12.10
C LEU A 20 -12.52 13.30 11.05
N LYS A 21 -12.54 12.02 10.68
CA LYS A 21 -13.46 11.60 9.62
C LYS A 21 -14.90 11.69 10.10
N PHE A 22 -15.15 11.31 11.34
CA PHE A 22 -16.51 11.36 11.85
C PHE A 22 -17.01 12.80 11.98
N ALA A 23 -16.16 13.69 12.50
CA ALA A 23 -16.55 15.10 12.60
C ALA A 23 -16.89 15.67 11.23
N ARG A 24 -16.01 15.45 10.25
CA ARG A 24 -16.22 16.05 8.94
C ARG A 24 -17.48 15.49 8.28
N ASP A 25 -17.75 14.20 8.47
CA ASP A 25 -18.98 13.61 7.95
C ASP A 25 -20.21 14.29 8.56
N ASN A 26 -20.07 14.83 9.76
CA ASN A 26 -21.17 15.45 10.49
C ASN A 26 -21.03 16.97 10.55
N ASN A 27 -20.24 17.54 9.63
CA ASN A 27 -20.17 18.97 9.43
C ASN A 27 -19.66 19.71 10.66
N ILE A 28 -18.69 19.10 11.34
CA ILE A 28 -17.95 19.73 12.42
C ILE A 28 -16.56 20.04 11.91
N ASP A 29 -16.14 21.28 12.04
CA ASP A 29 -14.86 21.73 11.50
C ASP A 29 -13.71 21.25 12.38
N ILE A 30 -12.78 20.51 11.78
CA ILE A 30 -11.50 20.21 12.39
C ILE A 30 -10.46 20.49 11.32
N SER A 31 -9.45 21.30 11.66
CA SER A 31 -8.38 21.57 10.71
C SER A 31 -7.45 20.38 10.60
N ALA A 32 -6.73 20.31 9.47
CA ALA A 32 -5.74 19.29 9.25
C ALA A 32 -4.67 19.87 8.35
N LEU A 33 -3.46 19.35 8.47
CA LEU A 33 -2.39 19.73 7.56
C LEU A 33 -1.67 18.51 7.02
N CYS A 34 -1.01 17.76 7.89
CA CYS A 34 -0.19 16.65 7.40
C CYS A 34 -1.02 15.42 7.02
N PHE A 35 -2.29 15.37 7.39
CA PHE A 35 -3.16 14.26 6.99
C PHE A 35 -3.61 14.40 5.54
N LEU A 36 -3.36 13.36 4.73
CA LEU A 36 -3.71 13.32 3.32
C LEU A 36 -3.55 11.87 2.86
N ASN A 37 -4.30 11.47 1.84
CA ASN A 37 -4.18 10.10 1.34
C ASN A 37 -4.31 9.09 2.48
N ASN A 38 -5.16 9.41 3.45
CA ASN A 38 -5.47 8.54 4.58
C ASN A 38 -4.27 8.21 5.45
N CYS A 39 -3.26 9.07 5.47
CA CYS A 39 -2.20 8.93 6.44
C CYS A 39 -1.70 10.30 6.85
N ASN A 40 -1.07 10.34 8.02
CA ASN A 40 -0.45 11.55 8.52
C ASN A 40 1.04 11.31 8.66
N ASN A 41 1.74 12.30 9.23
CA ASN A 41 3.20 12.25 9.35
C ASN A 41 3.52 11.58 10.68
N ASP A 42 3.80 10.28 10.64
CA ASP A 42 3.80 9.50 11.88
C ASP A 42 4.90 9.94 12.83
N ILE A 43 6.04 10.41 12.31
CA ILE A 43 7.19 10.69 13.16
C ILE A 43 7.32 12.15 13.56
N ASN A 44 6.58 13.04 12.94
CA ASN A 44 6.64 14.44 13.34
C ASN A 44 5.23 15.00 13.09
N LYS A 45 4.27 14.52 13.89
N LYS A 45 4.27 14.51 13.88
CA LYS A 45 2.87 14.89 13.69
CA LYS A 45 2.87 14.89 13.69
C LYS A 45 2.70 16.40 13.78
C LYS A 45 2.70 16.40 13.78
N CYS A 46 2.00 16.97 12.79
CA CYS A 46 1.80 18.42 12.77
C CYS A 46 0.89 18.87 13.91
N GLU A 47 -0.04 18.01 14.33
CA GLU A 47 -0.98 18.29 15.41
C GLU A 47 -1.91 19.45 15.12
N ILE A 48 -2.09 19.81 13.84
CA ILE A 48 -3.07 20.84 13.49
C ILE A 48 -4.50 20.34 13.73
N CYS A 49 -4.70 19.03 13.76
CA CYS A 49 -5.98 18.39 13.99
C CYS A 49 -6.26 18.17 15.47
N THR A 50 -5.60 18.91 16.34
CA THR A 50 -5.76 18.68 17.77
C THR A 50 -7.20 18.94 18.20
N VAL A 51 -7.71 18.04 19.04
CA VAL A 51 -8.97 18.21 19.75
C VAL A 51 -8.75 17.79 21.19
N GLU A 52 -9.71 18.10 22.03
CA GLU A 52 -9.67 17.75 23.45
C GLU A 52 -10.64 16.62 23.71
N VAL A 53 -10.17 15.54 24.33
CA VAL A 53 -11.02 14.42 24.73
C VAL A 53 -11.07 14.38 26.24
N GLU A 54 -12.27 14.55 26.80
CA GLU A 54 -12.41 14.64 28.25
C GLU A 54 -11.84 13.38 28.89
N GLY A 55 -11.00 13.58 29.91
CA GLY A 55 -10.38 12.49 30.63
C GLY A 55 -9.07 12.02 30.03
N THR A 56 -8.78 12.40 28.79
CA THR A 56 -7.52 12.04 28.14
C THR A 56 -6.61 13.24 27.93
N GLY A 57 -7.14 14.35 27.45
CA GLY A 57 -6.34 15.51 27.12
C GLY A 57 -6.37 15.84 25.64
N LEU A 58 -5.34 16.52 25.15
CA LEU A 58 -5.27 16.87 23.74
C LEU A 58 -4.85 15.64 22.93
N VAL A 59 -5.53 15.40 21.81
CA VAL A 59 -5.23 14.27 20.94
C VAL A 59 -5.28 14.76 19.51
N THR A 60 -4.66 13.99 18.62
CA THR A 60 -4.71 14.28 17.18
C THR A 60 -5.92 13.59 16.58
N ALA A 61 -6.89 14.39 16.12
CA ALA A 61 -8.13 13.82 15.60
C ALA A 61 -7.89 12.95 14.38
N CYS A 62 -6.85 13.20 13.60
CA CYS A 62 -6.74 12.50 12.31
C CYS A 62 -6.31 11.04 12.45
N ASP A 63 -5.82 10.62 13.61
CA ASP A 63 -5.33 9.26 13.78
C ASP A 63 -5.79 8.66 15.10
N THR A 64 -6.88 9.17 15.66
CA THR A 64 -7.47 8.66 16.89
C THR A 64 -8.87 8.17 16.55
N LEU A 65 -9.15 6.90 16.81
CA LEU A 65 -10.46 6.34 16.54
C LEU A 65 -11.48 6.84 17.57
N ILE A 66 -12.73 6.99 17.13
CA ILE A 66 -13.80 7.30 18.07
C ILE A 66 -14.08 6.08 18.94
N GLU A 67 -14.48 6.33 20.18
CA GLU A 67 -14.80 5.26 21.11
C GLU A 67 -16.04 5.66 21.92
N ASP A 68 -16.83 4.66 22.29
CA ASP A 68 -18.01 4.91 23.11
C ASP A 68 -17.61 5.68 24.37
N GLY A 69 -18.40 6.69 24.71
CA GLY A 69 -18.13 7.47 25.90
C GLY A 69 -17.24 8.67 25.70
N MET A 70 -16.79 8.92 24.48
CA MET A 70 -15.91 10.04 24.21
C MET A 70 -16.69 11.35 24.27
N ILE A 71 -16.16 12.32 25.00
CA ILE A 71 -16.65 13.69 25.03
C ILE A 71 -15.54 14.56 24.44
N ILE A 72 -15.82 15.21 23.33
CA ILE A 72 -14.81 15.86 22.50
C ILE A 72 -15.14 17.34 22.36
N ASN A 73 -14.12 18.19 22.50
CA ASN A 73 -14.25 19.60 22.22
C ASN A 73 -13.22 19.97 21.17
N THR A 74 -13.69 20.55 20.06
CA THR A 74 -12.81 20.90 18.94
C THR A 74 -12.41 22.36 18.93
N ASN A 75 -12.97 23.19 19.83
CA ASN A 75 -12.86 24.62 19.66
C ASN A 75 -12.63 25.33 21.00
N SER A 76 -12.11 24.62 21.99
CA SER A 76 -11.79 25.22 23.27
C SER A 76 -10.56 26.11 23.16
N ASP A 77 -10.35 26.92 24.20
CA ASP A 77 -9.17 27.78 24.25
C ASP A 77 -7.88 26.96 24.19
N ALA A 78 -7.81 25.87 24.97
CA ALA A 78 -6.61 25.04 24.97
C ALA A 78 -6.33 24.48 23.59
N VAL A 79 -7.38 24.04 22.88
CA VAL A 79 -7.20 23.49 21.54
C VAL A 79 -6.68 24.56 20.59
N ASN A 80 -7.35 25.72 20.54
CA ASN A 80 -6.97 26.74 19.57
C ASN A 80 -5.59 27.32 19.89
N GLU A 81 -5.21 27.36 21.17
CA GLU A 81 -3.86 27.80 21.51
C GLU A 81 -2.81 26.83 20.99
N LYS A 82 -3.06 25.53 21.17
CA LYS A 82 -2.13 24.53 20.67
C LYS A 82 -1.96 24.65 19.16
N ILE A 83 -3.07 24.70 18.42
CA ILE A 83 -2.99 24.74 16.97
C ILE A 83 -2.26 26.01 16.53
N LYS A 84 -2.63 27.15 17.13
CA LYS A 84 -1.97 28.41 16.80
C LYS A 84 -0.47 28.32 17.06
N SER A 85 -0.08 27.68 18.16
CA SER A 85 1.33 27.57 18.48
C SER A 85 2.08 26.72 17.46
N ARG A 86 1.44 25.66 16.95
CA ARG A 86 2.10 24.83 15.95
C ARG A 86 2.26 25.58 14.63
N ILE A 87 1.25 26.36 14.25
CA ILE A 87 1.36 27.16 13.03
C ILE A 87 2.44 28.23 13.21
N SER A 88 2.51 28.83 14.40
CA SER A 88 3.56 29.80 14.68
C SER A 88 4.94 29.18 14.56
N GLN A 89 5.09 27.95 15.04
CA GLN A 89 6.36 27.26 14.92
C GLN A 89 6.71 26.95 13.47
N LEU A 90 5.70 26.65 12.64
CA LEU A 90 5.95 26.47 11.22
C LEU A 90 6.37 27.78 10.57
N LEU A 91 5.72 28.88 10.93
CA LEU A 91 6.13 30.18 10.39
C LEU A 91 7.58 30.49 10.73
N ASP A 92 8.07 29.99 11.88
CA ASP A 92 9.45 30.22 12.28
C ASP A 92 10.45 29.61 11.30
N ILE A 93 10.02 28.67 10.46
CA ILE A 93 10.88 28.03 9.47
C ILE A 93 10.34 28.23 8.05
N HIS A 94 9.49 29.23 7.86
CA HIS A 94 8.82 29.45 6.59
C HIS A 94 9.07 30.87 6.10
N GLU A 95 9.62 30.99 4.90
CA GLU A 95 9.79 32.29 4.25
C GLU A 95 8.42 32.79 3.81
N PHE A 96 7.77 33.58 4.68
CA PHE A 96 6.37 33.96 4.53
C PHE A 96 6.29 35.23 3.68
N LYS A 97 6.47 35.05 2.37
CA LYS A 97 6.46 36.12 1.37
C LYS A 97 5.57 35.65 0.22
N CYS A 98 4.26 35.82 0.37
CA CYS A 98 3.31 35.24 -0.57
C CYS A 98 3.18 36.01 -1.88
N GLY A 99 3.60 37.28 -1.90
CA GLY A 99 3.45 38.10 -3.08
C GLY A 99 3.94 37.43 -4.36
N PRO A 100 5.21 37.05 -4.38
CA PRO A 100 5.79 36.40 -5.57
C PRO A 100 5.74 34.88 -5.55
N CYS A 101 4.96 34.28 -4.66
CA CYS A 101 4.95 32.84 -4.47
C CYS A 101 4.00 32.16 -5.44
N ASN A 102 4.43 31.01 -5.98
CA ASN A 102 3.62 30.35 -7.00
C ASN A 102 2.42 29.60 -6.42
N ARG A 103 2.23 29.60 -5.10
CA ARG A 103 1.03 29.04 -4.48
C ARG A 103 0.17 30.11 -3.81
N ARG A 104 0.43 31.39 -4.10
CA ARG A 104 -0.26 32.46 -3.38
C ARG A 104 -1.77 32.32 -3.46
N GLU A 105 -2.30 31.84 -4.58
CA GLU A 105 -3.73 31.80 -4.78
C GLU A 105 -4.41 30.53 -4.25
N ASN A 106 -3.65 29.50 -3.90
CA ASN A 106 -4.28 28.25 -3.47
C ASN A 106 -3.39 27.50 -2.48
N CYS A 107 -2.81 28.23 -1.54
CA CYS A 107 -1.91 27.64 -0.56
C CYS A 107 -2.67 27.16 0.67
N GLU A 108 -2.44 25.91 1.08
CA GLU A 108 -3.13 25.42 2.26
C GLU A 108 -2.57 26.02 3.54
N PHE A 109 -1.26 26.29 3.57
CA PHE A 109 -0.67 26.85 4.77
C PHE A 109 -1.19 28.26 5.02
N LEU A 110 -1.20 29.09 3.97
CA LEU A 110 -1.70 30.45 4.11
C LEU A 110 -3.12 30.46 4.67
N LYS A 111 -3.97 29.55 4.18
CA LYS A 111 -5.34 29.50 4.71
C LYS A 111 -5.35 29.22 6.21
N LEU A 112 -4.44 28.36 6.67
CA LEU A 112 -4.38 28.06 8.10
C LEU A 112 -3.84 29.24 8.88
N VAL A 113 -2.84 29.93 8.33
CA VAL A 113 -2.30 31.10 9.00
C VAL A 113 -3.37 32.15 9.20
N ILE A 114 -4.17 32.40 8.17
CA ILE A 114 -5.27 33.36 8.28
C ILE A 114 -6.29 32.90 9.30
N LYS A 115 -6.68 31.62 9.23
CA LYS A 115 -7.76 31.12 10.07
C LYS A 115 -7.42 31.26 11.55
N TYR A 116 -6.19 30.98 11.94
CA TYR A 116 -5.79 31.02 13.34
C TYR A 116 -5.04 32.30 13.70
N LYS A 117 -4.90 33.23 12.76
CA LYS A 117 -4.24 34.52 13.00
C LYS A 117 -2.84 34.33 13.57
N ALA A 118 -2.13 33.33 13.05
CA ALA A 118 -0.85 32.94 13.62
C ALA A 118 0.28 33.85 13.14
N ARG A 119 1.32 33.95 13.96
CA ARG A 119 2.48 34.77 13.63
C ARG A 119 3.76 34.11 14.13
N ALA A 120 4.84 34.32 13.39
CA ALA A 120 6.12 33.76 13.77
C ALA A 120 6.64 34.42 15.05
N SER A 121 7.35 33.65 15.86
CA SER A 121 8.06 34.23 16.99
C SER A 121 9.23 35.08 16.49
N LYS A 122 9.95 34.58 15.50
CA LYS A 122 10.96 35.34 14.77
C LYS A 122 10.77 35.03 13.29
N PRO A 123 10.47 36.03 12.46
CA PRO A 123 10.35 35.76 11.02
C PRO A 123 11.57 35.02 10.47
N PHE A 124 11.32 34.18 9.48
CA PHE A 124 12.36 33.42 8.79
C PHE A 124 12.68 34.17 7.50
N LEU A 125 13.87 34.77 7.45
CA LEU A 125 14.27 35.64 6.35
C LEU A 125 15.66 35.25 5.86
N PRO A 126 15.78 34.11 5.19
CA PRO A 126 17.09 33.69 4.71
C PRO A 126 17.63 34.66 3.68
N LYS A 127 18.92 34.97 3.80
CA LYS A 127 19.55 35.89 2.85
C LYS A 127 20.01 35.16 1.59
N ASP A 128 20.61 33.98 1.75
CA ASP A 128 21.10 33.18 0.63
C ASP A 128 20.19 31.97 0.48
N LYS A 129 19.17 32.09 -0.36
CA LYS A 129 18.26 30.98 -0.58
C LYS A 129 18.91 29.84 -1.36
N THR A 130 20.05 30.09 -2.00
CA THR A 130 20.62 29.08 -2.89
C THR A 130 20.83 27.75 -2.17
N GLU A 131 21.18 27.80 -0.88
CA GLU A 131 21.38 26.59 -0.11
C GLU A 131 20.07 25.83 0.15
N TYR A 132 18.93 26.50 0.04
CA TYR A 132 17.62 25.90 0.29
C TYR A 132 16.94 25.37 -0.96
N VAL A 133 17.47 25.67 -2.13
CA VAL A 133 16.80 25.45 -3.40
C VAL A 133 17.59 24.43 -4.21
N ASP A 134 16.90 23.43 -4.73
CA ASP A 134 17.49 22.44 -5.63
C ASP A 134 16.77 22.51 -6.97
N GLU A 135 17.45 23.04 -7.99
CA GLU A 135 16.92 23.13 -9.34
C GLU A 135 17.69 22.27 -10.32
N ARG A 136 18.39 21.24 -9.84
CA ARG A 136 19.22 20.44 -10.73
C ARG A 136 18.37 19.60 -11.67
N SER A 137 17.17 19.23 -11.25
CA SER A 137 16.38 18.29 -12.01
C SER A 137 15.81 18.93 -13.27
N LYS A 138 15.63 18.10 -14.29
CA LYS A 138 14.91 18.53 -15.48
C LYS A 138 13.41 18.64 -15.26
N SER A 139 12.88 18.11 -14.14
CA SER A 139 11.45 18.02 -13.94
C SER A 139 10.95 18.66 -12.66
N LEU A 140 11.64 18.45 -11.54
CA LEU A 140 11.23 18.90 -10.23
C LEU A 140 12.16 19.98 -9.68
N THR A 141 11.64 20.79 -8.77
CA THR A 141 12.47 21.70 -8.01
C THR A 141 11.99 21.69 -6.56
N VAL A 142 12.93 21.92 -5.66
CA VAL A 142 12.67 21.98 -4.23
C VAL A 142 13.05 23.37 -3.75
N ASP A 143 12.17 23.99 -2.95
CA ASP A 143 12.43 25.25 -2.26
C ASP A 143 12.15 25.02 -0.77
N ARG A 144 13.21 24.66 -0.04
CA ARG A 144 13.05 24.29 1.35
C ARG A 144 12.80 25.45 2.29
N THR A 145 12.87 26.69 1.79
CA THR A 145 12.40 27.81 2.60
C THR A 145 10.89 27.78 2.80
N LYS A 146 10.17 26.93 2.06
CA LYS A 146 8.73 26.80 2.19
C LYS A 146 8.31 25.49 2.84
N CYS A 147 9.23 24.55 3.02
CA CYS A 147 8.86 23.20 3.42
C CYS A 147 8.44 23.17 4.89
N LEU A 148 7.29 22.55 5.15
CA LEU A 148 6.74 22.38 6.49
C LEU A 148 7.12 21.06 7.14
N LEU A 149 7.87 20.21 6.44
CA LEU A 149 8.22 18.87 6.89
C LEU A 149 6.98 18.09 7.31
N CYS A 150 5.90 18.26 6.54
CA CYS A 150 4.64 17.58 6.78
C CYS A 150 4.63 16.13 6.29
N GLY A 151 5.63 15.73 5.51
CA GLY A 151 5.70 14.38 5.01
C GLY A 151 4.69 13.98 3.96
N ARG A 152 3.85 14.90 3.46
CA ARG A 152 2.82 14.50 2.50
C ARG A 152 3.45 14.03 1.19
N CYS A 153 4.56 14.62 0.77
CA CYS A 153 5.25 14.16 -0.44
C CYS A 153 5.82 12.77 -0.26
N VAL A 154 6.41 12.49 0.90
CA VAL A 154 6.98 11.18 1.18
C VAL A 154 5.89 10.12 1.18
N ASN A 155 4.79 10.39 1.89
CA ASN A 155 3.68 9.44 1.90
C ASN A 155 3.08 9.28 0.51
N ALA A 156 2.95 10.38 -0.24
CA ALA A 156 2.32 10.29 -1.56
C ALA A 156 3.20 9.50 -2.54
N CYS A 157 4.52 9.68 -2.45
CA CYS A 157 5.42 8.91 -3.28
C CYS A 157 5.29 7.42 -2.97
N GLY A 158 5.31 7.08 -1.68
CA GLY A 158 5.13 5.70 -1.28
C GLY A 158 3.83 5.11 -1.80
N LYS A 159 2.74 5.86 -1.65
CA LYS A 159 1.42 5.33 -2.03
C LYS A 159 1.27 5.24 -3.54
N ASN A 160 1.67 6.29 -4.26
CA ASN A 160 1.46 6.37 -5.70
C ASN A 160 2.47 5.55 -6.49
N THR A 161 3.72 5.45 -6.04
CA THR A 161 4.74 4.78 -6.83
C THR A 161 5.40 3.60 -6.13
N GLU A 162 5.36 3.54 -4.80
CA GLU A 162 6.08 2.55 -4.00
C GLU A 162 7.59 2.58 -4.23
N THR A 163 8.12 3.65 -4.83
CA THR A 163 9.56 3.77 -4.98
C THR A 163 10.22 4.32 -3.72
N TYR A 164 9.49 5.11 -2.94
CA TYR A 164 10.03 5.87 -1.83
C TYR A 164 11.25 6.70 -2.26
N ALA A 165 11.20 7.22 -3.49
CA ALA A 165 12.27 8.08 -3.99
C ALA A 165 12.33 9.41 -3.25
N MET A 166 11.22 9.84 -2.63
CA MET A 166 11.21 11.04 -1.82
C MET A 166 11.39 10.59 -0.37
N LYS A 167 12.40 11.12 0.30
CA LYS A 167 12.80 10.60 1.60
C LYS A 167 13.02 11.74 2.59
N PHE A 168 12.88 11.40 3.86
CA PHE A 168 13.41 12.25 4.91
C PHE A 168 14.91 12.02 4.97
N LEU A 169 15.67 13.11 5.07
CA LEU A 169 17.13 13.05 5.09
C LEU A 169 17.64 13.84 6.28
N ASN A 170 18.80 13.41 6.78
CA ASN A 170 19.52 14.12 7.83
C ASN A 170 20.63 14.89 7.13
N LYS A 171 20.43 16.19 6.94
CA LYS A 171 21.37 17.06 6.24
C LYS A 171 22.16 17.83 7.29
N ASN A 172 23.33 17.32 7.65
CA ASN A 172 24.20 17.97 8.63
C ASN A 172 23.41 18.31 9.89
N GLY A 173 22.72 17.31 10.43
CA GLY A 173 21.97 17.46 11.66
C GLY A 173 20.61 18.09 11.53
N LYS A 174 20.19 18.45 10.32
CA LYS A 174 18.93 19.13 10.05
C LYS A 174 18.04 18.20 9.23
N THR A 175 16.75 18.15 9.54
CA THR A 175 15.85 17.27 8.78
C THR A 175 15.34 18.00 7.53
N ILE A 176 15.51 17.37 6.37
CA ILE A 176 14.97 17.88 5.12
C ILE A 176 14.27 16.71 4.41
N ILE A 177 13.54 17.02 3.35
CA ILE A 177 13.11 16.01 2.40
C ILE A 177 13.96 16.17 1.14
N GLY A 178 14.05 15.08 0.39
CA GLY A 178 14.85 15.09 -0.81
C GLY A 178 15.03 13.68 -1.34
N ALA A 179 15.87 13.59 -2.36
CA ALA A 179 16.14 12.31 -2.98
C ALA A 179 17.22 11.56 -2.19
N GLU A 180 17.41 10.29 -2.54
CA GLU A 180 18.41 9.47 -1.90
C GLU A 180 19.78 10.14 -1.92
N ASP A 181 20.42 10.21 -0.74
CA ASP A 181 21.75 10.82 -0.56
C ASP A 181 21.80 12.27 -1.04
N GLU A 182 20.65 12.94 -1.02
CA GLU A 182 20.51 14.32 -1.50
C GLU A 182 21.01 14.48 -2.93
N LYS A 183 20.90 13.43 -3.72
CA LYS A 183 21.23 13.50 -5.13
C LYS A 183 20.16 14.27 -5.90
N CYS A 184 20.50 14.63 -7.14
CA CYS A 184 19.48 15.07 -8.07
C CYS A 184 18.47 13.96 -8.29
N PHE A 185 17.18 14.30 -8.25
CA PHE A 185 16.14 13.27 -8.41
C PHE A 185 16.36 12.46 -9.67
N ASP A 186 16.76 13.14 -10.76
CA ASP A 186 16.93 12.46 -12.04
C ASP A 186 17.94 11.32 -11.95
N ASP A 187 18.92 11.43 -11.05
CA ASP A 187 19.99 10.45 -10.92
C ASP A 187 19.65 9.34 -9.94
N THR A 188 18.41 9.29 -9.47
CA THR A 188 17.96 8.24 -8.58
C THR A 188 16.86 7.44 -9.28
N ASN A 189 16.24 6.52 -8.55
CA ASN A 189 15.16 5.72 -9.12
C ASN A 189 13.85 6.48 -9.25
N CYS A 190 13.81 7.73 -8.81
CA CYS A 190 12.65 8.58 -8.99
C CYS A 190 12.12 8.50 -10.42
N LEU A 191 10.79 8.47 -10.55
CA LEU A 191 10.10 8.47 -11.83
C LEU A 191 9.85 9.86 -12.40
N LEU A 192 10.09 10.93 -11.62
CA LEU A 192 9.88 12.33 -12.01
C LEU A 192 8.43 12.62 -12.34
N CYS A 193 7.53 11.82 -11.77
CA CYS A 193 6.11 11.90 -12.03
C CYS A 193 5.43 13.07 -11.35
N GLY A 194 6.05 13.67 -10.35
CA GLY A 194 5.46 14.85 -9.73
C GLY A 194 4.27 14.61 -8.82
N GLN A 195 3.96 13.37 -8.44
CA GLN A 195 2.87 13.18 -7.50
C GLN A 195 3.19 13.80 -6.15
N CYS A 196 4.48 13.89 -5.81
CA CYS A 196 4.88 14.60 -4.60
C CYS A 196 4.50 16.08 -4.65
N ILE A 197 4.65 16.71 -5.82
CA ILE A 197 4.23 18.10 -5.99
C ILE A 197 2.73 18.22 -5.72
N ILE A 198 1.96 17.32 -6.32
CA ILE A 198 0.50 17.37 -6.17
C ILE A 198 0.10 17.27 -4.70
N ALA A 199 0.86 16.53 -3.91
CA ALA A 199 0.58 16.37 -2.49
C ALA A 199 1.03 17.53 -1.64
N CYS A 200 1.90 18.39 -2.16
CA CYS A 200 2.51 19.43 -1.30
C CYS A 200 1.50 20.53 -1.00
N PRO A 201 1.32 20.92 0.27
CA PRO A 201 0.37 21.98 0.60
C PRO A 201 0.86 23.38 0.31
N VAL A 202 2.16 23.54 0.01
CA VAL A 202 2.79 24.84 -0.09
C VAL A 202 3.63 24.86 -1.35
N ALA A 203 4.48 25.90 -1.52
CA ALA A 203 5.29 26.05 -2.72
C ALA A 203 6.67 25.42 -2.57
N ALA A 204 6.82 24.41 -1.71
CA ALA A 204 8.12 23.80 -1.51
C ALA A 204 8.52 22.92 -2.70
N LEU A 205 7.58 22.17 -3.25
CA LEU A 205 7.83 21.37 -4.44
C LEU A 205 7.12 22.00 -5.63
N SER A 206 7.85 22.12 -6.74
CA SER A 206 7.32 22.73 -7.94
C SER A 206 7.90 22.02 -9.15
N GLU A 207 7.34 22.31 -10.31
CA GLU A 207 7.92 21.84 -11.55
C GLU A 207 9.14 22.68 -11.93
N LYS A 208 10.04 22.08 -12.70
CA LYS A 208 11.15 22.81 -13.29
C LYS A 208 10.60 23.75 -14.34
N SER A 209 10.80 25.05 -14.15
CA SER A 209 10.19 26.02 -15.04
C SER A 209 10.81 25.98 -16.43
N HIS A 210 9.93 26.04 -17.45
CA HIS A 210 10.35 26.28 -18.83
C HIS A 210 9.81 27.61 -19.36
N MET A 211 9.26 28.46 -18.47
CA MET A 211 8.59 29.64 -18.98
C MET A 211 9.56 30.62 -19.62
N ASP A 212 10.81 30.68 -19.17
CA ASP A 212 11.77 31.57 -19.82
C ASP A 212 12.15 31.07 -21.20
N ARG A 213 12.30 29.76 -21.36
CA ARG A 213 12.49 29.19 -22.70
C ARG A 213 11.39 29.68 -23.64
N VAL A 214 10.14 29.64 -23.15
CA VAL A 214 9.01 29.95 -24.01
C VAL A 214 8.99 31.45 -24.33
N LYS A 215 9.15 32.29 -23.31
CA LYS A 215 9.07 33.73 -23.53
C LYS A 215 10.21 34.22 -24.43
N ASN A 216 11.39 33.65 -24.25
CA ASN A 216 12.52 34.02 -25.09
C ASN A 216 12.25 33.66 -26.55
N ALA A 217 11.69 32.47 -26.78
CA ALA A 217 11.37 32.07 -28.14
C ALA A 217 10.27 32.97 -28.74
N LEU A 218 9.24 33.27 -27.96
CA LEU A 218 8.15 34.12 -28.46
C LEU A 218 8.70 35.49 -28.86
N ASN A 219 9.64 36.02 -28.10
CA ASN A 219 10.20 37.33 -28.35
C ASN A 219 11.34 37.33 -29.37
N ALA A 220 11.85 36.17 -29.74
CA ALA A 220 12.91 36.09 -30.74
C ALA A 220 12.31 36.36 -32.12
N PRO A 221 12.78 37.36 -32.86
CA PRO A 221 12.11 37.70 -34.14
C PRO A 221 12.02 36.54 -35.11
N GLU A 222 13.08 35.77 -35.25
CA GLU A 222 13.14 34.75 -36.28
C GLU A 222 12.54 33.41 -35.84
N LYS A 223 12.15 33.25 -34.57
CA LYS A 223 11.58 31.99 -34.14
C LYS A 223 10.09 31.94 -34.46
N HIS A 224 9.66 30.82 -35.04
CA HIS A 224 8.27 30.50 -35.28
C HIS A 224 7.86 29.50 -34.19
N VAL A 225 7.07 29.95 -33.23
CA VAL A 225 6.78 29.17 -32.03
C VAL A 225 5.44 28.46 -32.21
N ILE A 226 5.52 27.13 -32.29
CA ILE A 226 4.36 26.24 -32.30
C ILE A 226 3.99 25.91 -30.86
N VAL A 227 2.70 25.83 -30.58
CA VAL A 227 2.24 25.33 -29.28
C VAL A 227 1.19 24.25 -29.51
N ALA A 228 1.21 23.23 -28.65
CA ALA A 228 0.29 22.11 -28.75
C ALA A 228 0.02 21.62 -27.34
N MET A 229 -1.25 21.42 -26.98
CA MET A 229 -1.59 21.00 -25.62
C MET A 229 -1.97 19.53 -25.56
N ALA A 230 -1.73 18.94 -24.38
CA ALA A 230 -2.06 17.56 -24.13
C ALA A 230 -3.57 17.34 -24.06
N PRO A 231 -4.02 16.09 -24.27
CA PRO A 231 -5.44 15.79 -24.03
C PRO A 231 -5.98 16.38 -22.74
N SER A 232 -5.24 16.24 -21.62
CA SER A 232 -5.81 16.52 -20.31
C SER A 232 -5.92 18.01 -20.01
N VAL A 233 -5.20 18.88 -20.71
CA VAL A 233 -5.18 20.28 -20.32
C VAL A 233 -6.57 20.91 -20.48
N ARG A 234 -7.27 20.56 -21.56
CA ARG A 234 -8.57 21.14 -21.86
C ARG A 234 -9.65 20.70 -20.89
N ALA A 235 -9.36 19.68 -20.08
CA ALA A 235 -10.28 19.16 -19.08
C ALA A 235 -9.97 19.64 -17.68
N SER A 236 -8.96 20.52 -17.53
CA SER A 236 -8.39 20.79 -16.22
C SER A 236 -8.12 22.26 -15.94
N ILE A 237 -7.63 22.99 -16.94
CA ILE A 237 -7.03 24.29 -16.66
C ILE A 237 -8.07 25.27 -16.15
N GLY A 238 -9.35 25.07 -16.52
CA GLY A 238 -10.41 25.96 -16.05
C GLY A 238 -10.54 26.01 -14.55
N GLU A 239 -10.10 24.96 -13.86
CA GLU A 239 -10.10 24.97 -12.39
C GLU A 239 -9.32 26.16 -11.85
N LEU A 240 -8.24 26.54 -12.52
CA LEU A 240 -7.39 27.64 -12.03
C LEU A 240 -7.96 29.02 -12.35
N PHE A 241 -9.10 29.07 -13.04
CA PHE A 241 -9.81 30.32 -13.32
C PHE A 241 -11.21 30.30 -12.72
N ASN A 242 -11.38 29.53 -11.65
CA ASN A 242 -12.62 29.51 -10.87
C ASN A 242 -13.83 29.12 -11.72
N MET A 243 -13.63 28.30 -12.74
CA MET A 243 -14.73 27.84 -13.57
C MET A 243 -15.32 26.51 -13.11
N GLY A 244 -14.78 25.93 -12.05
CA GLY A 244 -15.27 24.66 -11.57
C GLY A 244 -14.53 23.48 -12.18
N PHE A 245 -15.03 22.30 -11.86
CA PHE A 245 -14.44 21.04 -12.27
C PHE A 245 -15.23 20.44 -13.42
N GLY A 246 -14.52 19.73 -14.29
CA GLY A 246 -15.14 19.04 -15.41
C GLY A 246 -15.60 19.92 -16.54
N VAL A 247 -15.00 21.10 -16.70
CA VAL A 247 -15.40 22.04 -17.75
C VAL A 247 -14.47 21.91 -18.95
N ASP A 248 -15.05 21.69 -20.11
CA ASP A 248 -14.33 21.65 -21.38
C ASP A 248 -13.99 23.08 -21.82
N VAL A 249 -12.72 23.42 -21.87
CA VAL A 249 -12.32 24.78 -22.23
C VAL A 249 -11.41 24.78 -23.44
N THR A 250 -11.52 23.76 -24.30
CA THR A 250 -10.64 23.64 -25.47
C THR A 250 -10.59 24.95 -26.25
N GLY A 251 -11.76 25.47 -26.64
CA GLY A 251 -11.80 26.63 -27.52
C GLY A 251 -11.22 27.87 -26.88
N LYS A 252 -11.40 28.04 -25.57
CA LYS A 252 -10.81 29.20 -24.89
C LYS A 252 -9.29 29.09 -24.83
N ILE A 253 -8.76 27.87 -24.74
CA ILE A 253 -7.31 27.70 -24.72
C ILE A 253 -6.71 28.15 -26.04
N TYR A 254 -7.26 27.65 -27.14
CA TYR A 254 -6.79 28.07 -28.45
C TYR A 254 -6.77 29.60 -28.56
N THR A 255 -7.82 30.26 -28.08
CA THR A 255 -7.88 31.72 -28.15
C THR A 255 -6.80 32.35 -27.30
N ALA A 256 -6.65 31.85 -26.06
CA ALA A 256 -5.66 32.41 -25.14
C ALA A 256 -4.24 32.24 -25.69
N LEU A 257 -3.96 31.11 -26.32
CA LEU A 257 -2.61 30.87 -26.82
C LEU A 257 -2.29 31.81 -27.97
N ARG A 258 -3.30 32.14 -28.78
CA ARG A 258 -3.11 33.14 -29.82
C ARG A 258 -2.84 34.51 -29.22
N GLN A 259 -3.61 34.88 -28.19
CA GLN A 259 -3.37 36.14 -27.51
C GLN A 259 -2.02 36.18 -26.81
N LEU A 260 -1.44 35.02 -26.47
CA LEU A 260 -0.10 35.04 -25.90
C LEU A 260 0.99 35.23 -26.94
N GLY A 261 0.67 35.13 -28.22
CA GLY A 261 1.63 35.39 -29.28
C GLY A 261 2.19 34.17 -29.97
N PHE A 262 1.68 32.98 -29.65
CA PHE A 262 2.18 31.79 -30.35
C PHE A 262 1.83 31.89 -31.83
N ASP A 263 2.73 31.36 -32.66
CA ASP A 263 2.63 31.56 -34.10
C ASP A 263 1.80 30.49 -34.78
N LYS A 264 1.67 29.31 -34.17
CA LYS A 264 0.83 28.26 -34.74
C LYS A 264 0.24 27.47 -33.60
N ILE A 265 -1.06 27.18 -33.71
CA ILE A 265 -1.81 26.50 -32.65
C ILE A 265 -2.16 25.11 -33.15
N PHE A 266 -1.42 24.10 -32.68
CA PHE A 266 -1.68 22.70 -33.00
C PHE A 266 -2.17 21.99 -31.72
N ASP A 267 -2.12 20.67 -31.71
CA ASP A 267 -2.71 19.91 -30.60
C ASP A 267 -2.00 18.57 -30.46
N ILE A 268 -1.65 18.20 -29.23
CA ILE A 268 -0.95 16.93 -29.04
C ILE A 268 -1.86 15.76 -29.38
N ASN A 269 -3.18 15.96 -29.33
CA ASN A 269 -4.09 14.89 -29.71
C ASN A 269 -3.86 14.47 -31.16
N PHE A 270 -3.38 15.39 -32.01
CA PHE A 270 -2.90 14.99 -33.33
C PHE A 270 -1.72 14.04 -33.21
N GLY A 271 -0.79 14.33 -32.30
CA GLY A 271 0.30 13.41 -32.04
C GLY A 271 -0.18 12.09 -31.47
N ALA A 272 -1.26 12.11 -30.66
CA ALA A 272 -1.82 10.88 -30.15
C ALA A 272 -2.31 10.00 -31.29
N ASP A 273 -2.95 10.60 -32.30
CA ASP A 273 -3.37 9.84 -33.46
C ASP A 273 -2.18 9.28 -34.23
N MET A 274 -1.07 10.03 -34.35
CA MET A 274 0.11 9.43 -34.98
C MET A 274 0.70 8.30 -34.15
N THR A 275 0.77 8.47 -32.84
CA THR A 275 1.26 7.35 -32.01
C THR A 275 0.44 6.08 -32.26
N ILE A 276 -0.88 6.23 -32.35
CA ILE A 276 -1.72 5.06 -32.60
C ILE A 276 -1.44 4.49 -33.98
N MET A 277 -1.36 5.35 -35.00
CA MET A 277 -0.99 4.88 -36.33
C MET A 277 0.22 3.98 -36.27
N GLU A 278 1.25 4.39 -35.54
CA GLU A 278 2.47 3.61 -35.46
C GLU A 278 2.33 2.41 -34.54
N GLU A 279 1.69 2.59 -33.39
CA GLU A 279 1.68 1.52 -32.39
C GLU A 279 0.66 0.44 -32.75
N ALA A 280 -0.48 0.82 -33.33
CA ALA A 280 -1.44 -0.18 -33.78
C ALA A 280 -0.86 -0.99 -34.92
N THR A 281 -0.08 -0.34 -35.79
CA THR A 281 0.63 -1.05 -36.84
C THR A 281 1.67 -2.00 -36.25
N GLU A 282 2.41 -1.56 -35.23
CA GLU A 282 3.40 -2.44 -34.61
C GLU A 282 2.72 -3.63 -33.94
N LEU A 283 1.56 -3.39 -33.32
CA LEU A 283 0.83 -4.47 -32.67
C LEU A 283 0.38 -5.52 -33.69
N VAL A 284 -0.16 -5.07 -34.82
CA VAL A 284 -0.57 -5.99 -35.87
C VAL A 284 0.63 -6.76 -36.41
N GLN A 285 1.78 -6.09 -36.51
CA GLN A 285 2.99 -6.78 -36.96
C GLN A 285 3.40 -7.87 -35.98
N ARG A 286 3.34 -7.58 -34.68
CA ARG A 286 3.68 -8.59 -33.68
C ARG A 286 2.68 -9.74 -33.70
N ILE A 287 1.40 -9.43 -33.88
CA ILE A 287 0.39 -10.47 -33.97
C ILE A 287 0.65 -11.36 -35.17
N GLU A 288 1.00 -10.75 -36.31
CA GLU A 288 1.24 -11.51 -37.53
C GLU A 288 2.50 -12.34 -37.42
N ASN A 289 3.50 -11.85 -36.68
CA ASN A 289 4.73 -12.59 -36.42
C ASN A 289 4.66 -13.44 -35.16
N ASN A 290 3.48 -13.60 -34.56
CA ASN A 290 3.33 -14.37 -33.33
C ASN A 290 4.33 -13.94 -32.28
N GLY A 291 4.58 -12.62 -32.20
CA GLY A 291 5.44 -12.08 -31.20
C GLY A 291 6.31 -10.95 -31.72
N PRO A 292 7.19 -10.40 -30.86
CA PRO A 292 7.29 -10.78 -29.44
C PRO A 292 6.19 -10.19 -28.57
N PHE A 293 5.93 -10.82 -27.42
CA PHE A 293 4.81 -10.48 -26.55
C PHE A 293 5.30 -10.49 -25.11
N PRO A 294 4.75 -9.62 -24.25
CA PRO A 294 3.73 -8.60 -24.56
C PRO A 294 4.39 -7.35 -25.12
N MET A 295 3.61 -6.52 -25.80
CA MET A 295 4.07 -5.17 -26.13
C MET A 295 3.54 -4.22 -25.08
N PHE A 296 4.42 -3.37 -24.55
CA PHE A 296 4.01 -2.34 -23.61
C PHE A 296 3.93 -1.00 -24.33
N THR A 297 3.00 -0.16 -23.91
CA THR A 297 3.02 1.23 -24.36
C THR A 297 4.32 1.90 -23.91
N SER A 298 4.68 2.98 -24.61
CA SER A 298 5.91 3.70 -24.33
C SER A 298 5.69 5.21 -24.22
N CYS A 299 4.43 5.63 -24.11
CA CYS A 299 4.07 7.05 -24.18
C CYS A 299 4.18 7.76 -22.85
N CYS A 300 4.19 7.01 -21.73
CA CYS A 300 4.31 7.61 -20.40
C CYS A 300 5.77 7.57 -20.00
N PRO A 301 6.46 8.70 -19.89
CA PRO A 301 7.89 8.66 -19.55
C PRO A 301 8.15 8.33 -18.10
N GLY A 302 7.15 8.44 -17.22
CA GLY A 302 7.33 7.96 -15.86
C GLY A 302 7.41 6.46 -15.82
N TRP A 303 6.55 5.79 -16.60
CA TRP A 303 6.65 4.35 -16.80
C TRP A 303 7.94 3.97 -17.49
N VAL A 304 8.38 4.72 -18.50
CA VAL A 304 9.66 4.40 -19.11
C VAL A 304 10.78 4.45 -18.08
N ARG A 305 10.80 5.49 -17.24
CA ARG A 305 11.79 5.55 -16.19
C ARG A 305 11.65 4.37 -15.24
N GLN A 306 10.42 3.99 -14.90
CA GLN A 306 10.21 2.83 -14.03
C GLN A 306 10.79 1.57 -14.65
N ALA A 307 10.56 1.36 -15.94
CA ALA A 307 11.15 0.21 -16.61
C ALA A 307 12.68 0.30 -16.63
N GLU A 308 13.21 1.48 -16.97
CA GLU A 308 14.66 1.63 -17.03
C GLU A 308 15.30 1.34 -15.68
N ASN A 309 14.65 1.77 -14.60
CA ASN A 309 15.21 1.75 -13.25
C ASN A 309 14.95 0.44 -12.51
N TYR A 310 13.87 -0.27 -12.83
CA TYR A 310 13.48 -1.46 -12.08
C TYR A 310 13.22 -2.70 -12.94
N TYR A 311 12.90 -2.55 -14.23
CA TYR A 311 12.59 -3.69 -15.10
C TYR A 311 13.26 -3.50 -16.46
N PRO A 312 14.58 -3.37 -16.49
CA PRO A 312 15.25 -3.13 -17.78
C PRO A 312 15.05 -4.25 -18.80
N GLU A 313 14.72 -5.46 -18.34
CA GLU A 313 14.41 -6.57 -19.24
C GLU A 313 13.17 -6.32 -20.09
N LEU A 314 12.35 -5.33 -19.72
CA LEU A 314 11.13 -5.03 -20.48
C LEU A 314 11.35 -3.95 -21.54
N LEU A 315 12.52 -3.30 -21.54
CA LEU A 315 12.72 -2.19 -22.48
C LEU A 315 12.55 -2.66 -23.92
N ASN A 316 13.03 -3.87 -24.23
CA ASN A 316 12.89 -4.39 -25.58
C ASN A 316 11.44 -4.73 -25.91
N ASN A 317 10.55 -4.80 -24.92
CA ASN A 317 9.14 -5.06 -25.16
C ASN A 317 8.34 -3.79 -25.41
N LEU A 318 8.90 -2.62 -25.12
CA LEU A 318 8.18 -1.37 -25.34
C LEU A 318 7.96 -1.17 -26.83
N SER A 319 6.78 -0.69 -27.19
CA SER A 319 6.56 -0.18 -28.53
C SER A 319 7.63 0.85 -28.88
N SER A 320 8.11 0.81 -30.11
CA SER A 320 9.10 1.80 -30.51
C SER A 320 8.46 3.11 -30.97
N ALA A 321 7.14 3.19 -31.05
CA ALA A 321 6.49 4.45 -31.40
C ALA A 321 6.90 5.51 -30.40
N LYS A 322 7.25 6.70 -30.89
CA LYS A 322 7.46 7.82 -29.97
C LYS A 322 6.14 8.18 -29.29
N SER A 323 6.26 8.82 -28.13
CA SER A 323 5.09 9.32 -27.44
C SER A 323 4.43 10.40 -28.29
N PRO A 324 3.15 10.69 -28.04
CA PRO A 324 2.49 11.78 -28.78
C PRO A 324 3.29 13.07 -28.78
N GLN A 325 3.82 13.45 -27.62
CA GLN A 325 4.64 14.66 -27.56
C GLN A 325 5.83 14.58 -28.49
N GLN A 326 6.60 13.50 -28.41
CA GLN A 326 7.85 13.46 -29.15
C GLN A 326 7.61 13.18 -30.63
N ILE A 327 6.56 12.42 -30.96
CA ILE A 327 6.25 12.11 -32.34
C ILE A 327 5.75 13.37 -33.05
N PHE A 328 4.91 14.14 -32.36
CA PHE A 328 4.48 15.44 -32.83
C PHE A 328 5.69 16.35 -33.05
N GLY A 329 6.57 16.42 -32.05
CA GLY A 329 7.75 17.26 -32.16
C GLY A 329 8.60 16.88 -33.36
N THR A 330 8.81 15.59 -33.57
CA THR A 330 9.62 15.15 -34.71
C THR A 330 8.99 15.62 -36.02
N ALA A 331 7.67 15.45 -36.16
CA ALA A 331 6.97 15.90 -37.35
C ALA A 331 6.99 17.42 -37.49
N SER A 332 7.04 18.15 -36.37
CA SER A 332 7.03 19.61 -36.44
C SER A 332 8.32 20.17 -37.01
N LYS A 333 9.40 19.38 -37.04
CA LYS A 333 10.68 19.84 -37.60
C LYS A 333 10.95 19.27 -38.99
N THR A 334 10.07 18.39 -39.47
CA THR A 334 10.26 17.69 -40.74
C THR A 334 9.06 17.93 -41.64
N TYR A 335 7.91 17.38 -41.30
CA TYR A 335 6.71 17.57 -42.11
C TYR A 335 6.27 19.02 -42.14
N TYR A 336 6.22 19.67 -40.98
CA TYR A 336 5.63 21.00 -40.94
C TYR A 336 6.40 21.99 -41.81
N PRO A 337 7.73 22.04 -41.77
CA PRO A 337 8.45 22.88 -42.76
C PRO A 337 8.06 22.56 -44.20
N SER A 338 7.84 21.28 -44.50
CA SER A 338 7.55 20.87 -45.87
C SER A 338 6.21 21.40 -46.37
N ILE A 339 5.30 21.78 -45.47
CA ILE A 339 4.00 22.32 -45.86
C ILE A 339 3.86 23.79 -45.49
N SER A 340 4.94 24.43 -45.07
CA SER A 340 4.88 25.81 -44.61
C SER A 340 5.97 26.70 -45.18
N GLY A 341 7.11 26.14 -45.60
CA GLY A 341 8.23 26.95 -46.03
C GLY A 341 9.13 27.42 -44.92
N LEU A 342 8.80 27.13 -43.66
CA LEU A 342 9.67 27.50 -42.56
C LEU A 342 11.01 26.80 -42.68
N ASP A 343 12.07 27.51 -42.31
CA ASP A 343 13.37 26.90 -42.08
C ASP A 343 13.27 26.07 -40.82
N PRO A 344 13.56 24.76 -40.86
CA PRO A 344 13.38 23.93 -39.65
C PRO A 344 14.11 24.46 -38.43
N LYS A 345 15.27 25.11 -38.62
CA LYS A 345 16.03 25.61 -37.49
C LYS A 345 15.30 26.71 -36.75
N ASN A 346 14.33 27.36 -37.39
CA ASN A 346 13.63 28.48 -36.77
C ASN A 346 12.32 28.06 -36.12
N VAL A 347 11.92 26.80 -36.29
CA VAL A 347 10.73 26.29 -35.63
C VAL A 347 11.09 25.99 -34.19
N PHE A 348 10.28 26.48 -33.25
CA PHE A 348 10.47 26.24 -31.82
C PHE A 348 9.18 25.64 -31.30
N THR A 349 9.23 24.37 -30.86
CA THR A 349 8.02 23.63 -30.55
C THR A 349 7.83 23.53 -29.03
N VAL A 350 6.67 24.01 -28.56
CA VAL A 350 6.31 24.07 -27.15
C VAL A 350 5.10 23.17 -26.94
N THR A 351 5.13 22.37 -25.88
CA THR A 351 3.94 21.64 -25.50
C THR A 351 3.43 22.13 -24.14
N VAL A 352 2.13 21.97 -23.94
CA VAL A 352 1.49 22.22 -22.65
C VAL A 352 1.00 20.86 -22.15
N MET A 353 1.46 20.47 -20.96
N MET A 353 1.46 20.45 -20.98
CA MET A 353 1.34 19.12 -20.46
CA MET A 353 1.21 19.08 -20.54
C MET A 353 0.77 19.08 -19.05
C MET A 353 0.87 19.00 -19.07
N PRO A 354 0.07 18.00 -18.68
CA PRO A 354 -0.30 17.83 -17.28
C PRO A 354 0.79 17.18 -16.44
N CYS A 355 2.03 17.22 -16.92
CA CYS A 355 3.06 16.25 -16.54
C CYS A 355 4.40 16.93 -16.33
N THR A 356 5.06 16.61 -15.22
CA THR A 356 6.43 17.07 -15.02
C THR A 356 7.42 16.21 -15.77
N THR A 357 7.11 14.92 -15.92
CA THR A 357 8.04 13.99 -16.53
C THR A 357 8.29 14.34 -17.98
N LYS A 358 7.32 15.00 -18.62
CA LYS A 358 7.44 15.31 -20.03
C LYS A 358 8.59 16.28 -20.29
N LYS A 359 8.96 17.09 -19.30
CA LYS A 359 10.14 17.93 -19.42
C LYS A 359 11.41 17.09 -19.54
N PHE A 360 11.52 16.05 -18.71
CA PHE A 360 12.63 15.13 -18.82
C PHE A 360 12.64 14.43 -20.17
N GLU A 361 11.48 13.97 -20.62
CA GLU A 361 11.40 13.28 -21.90
C GLU A 361 11.87 14.18 -23.04
N ALA A 362 11.43 15.44 -23.03
CA ALA A 362 11.77 16.34 -24.14
C ALA A 362 13.26 16.69 -24.15
N ASP A 363 13.92 16.57 -23.00
CA ASP A 363 15.31 16.94 -22.85
C ASP A 363 16.24 15.73 -22.91
N ARG A 364 15.71 14.56 -23.28
CA ARG A 364 16.56 13.39 -23.48
C ARG A 364 17.54 13.68 -24.61
N PRO A 365 18.84 13.44 -24.43
CA PRO A 365 19.80 13.84 -25.47
C PRO A 365 19.45 13.38 -26.87
N GLN A 366 18.98 12.15 -27.03
CA GLN A 366 18.77 11.62 -28.37
C GLN A 366 17.41 11.98 -28.97
N MET A 367 16.58 12.77 -28.29
CA MET A 367 15.28 13.15 -28.82
C MET A 367 15.46 14.37 -29.74
N GLU A 368 16.18 14.14 -30.83
CA GLU A 368 16.51 15.19 -31.79
C GLU A 368 16.99 14.53 -33.07
N LYS A 369 17.05 15.33 -34.12
CA LYS A 369 17.51 14.85 -35.42
C LYS A 369 18.09 16.03 -36.17
N ASP A 370 19.28 15.85 -36.73
CA ASP A 370 19.95 16.90 -37.50
C ASP A 370 20.15 18.16 -36.67
N GLY A 371 20.41 17.99 -35.37
CA GLY A 371 20.64 19.09 -34.47
C GLY A 371 19.40 19.81 -34.01
N LEU A 372 18.22 19.36 -34.41
CA LEU A 372 16.96 20.00 -34.05
C LEU A 372 16.25 19.14 -33.01
N ARG A 373 15.95 19.74 -31.86
CA ARG A 373 15.17 19.04 -30.85
C ARG A 373 13.79 18.70 -31.37
N ASP A 374 13.26 17.53 -30.99
CA ASP A 374 11.85 17.26 -31.27
C ASP A 374 10.97 18.31 -30.60
N ILE A 375 11.25 18.57 -29.33
CA ILE A 375 10.46 19.46 -28.47
C ILE A 375 11.44 20.37 -27.77
N ASP A 376 11.22 21.69 -27.88
CA ASP A 376 12.13 22.68 -27.33
C ASP A 376 11.75 23.18 -25.94
N ALA A 377 10.47 23.12 -25.58
CA ALA A 377 10.05 23.51 -24.24
C ALA A 377 8.75 22.78 -23.93
N VAL A 378 8.54 22.51 -22.64
CA VAL A 378 7.33 21.88 -22.11
C VAL A 378 6.89 22.68 -20.90
N ILE A 379 5.66 23.19 -20.90
CA ILE A 379 5.12 23.90 -19.75
C ILE A 379 3.94 23.11 -19.22
N THR A 380 3.79 23.10 -17.90
CA THR A 380 2.69 22.38 -17.29
C THR A 380 1.40 23.17 -17.41
N THR A 381 0.29 22.49 -17.09
CA THR A 381 -0.99 23.16 -16.98
C THR A 381 -0.88 24.37 -16.07
N ARG A 382 -0.21 24.21 -14.92
CA ARG A 382 -0.08 25.32 -13.98
C ARG A 382 0.72 26.46 -14.57
N GLU A 383 1.80 26.14 -15.30
CA GLU A 383 2.60 27.18 -15.94
C GLU A 383 1.80 27.95 -16.98
N LEU A 384 1.00 27.25 -17.80
CA LEU A 384 0.20 27.97 -18.78
C LEU A 384 -0.80 28.89 -18.10
N ALA A 385 -1.47 28.38 -17.06
CA ALA A 385 -2.39 29.23 -16.30
C ALA A 385 -1.69 30.51 -15.84
N LYS A 386 -0.46 30.38 -15.34
CA LYS A 386 0.23 31.56 -14.85
C LYS A 386 0.58 32.52 -15.98
N MET A 387 1.00 31.99 -17.13
CA MET A 387 1.27 32.87 -18.26
C MET A 387 0.02 33.61 -18.70
N ILE A 388 -1.13 32.93 -18.72
CA ILE A 388 -2.39 33.57 -19.10
C ILE A 388 -2.71 34.69 -18.12
N LYS A 389 -2.56 34.44 -16.83
CA LYS A 389 -2.89 35.46 -15.84
C LYS A 389 -1.88 36.61 -15.85
N ASP A 390 -0.59 36.30 -16.02
CA ASP A 390 0.40 37.36 -16.12
C ASP A 390 0.10 38.27 -17.30
N ALA A 391 -0.45 37.72 -18.38
CA ALA A 391 -0.82 38.51 -19.55
C ALA A 391 -2.15 39.23 -19.38
N LYS A 392 -2.85 39.00 -18.26
CA LYS A 392 -4.12 39.64 -17.97
C LYS A 392 -5.21 39.24 -18.95
N ILE A 393 -5.14 38.00 -19.44
CA ILE A 393 -6.10 37.50 -20.43
C ILE A 393 -7.34 37.01 -19.69
N PRO A 394 -8.54 37.56 -19.99
CA PRO A 394 -9.76 37.15 -19.28
C PRO A 394 -10.28 35.80 -19.77
N PHE A 395 -9.63 34.75 -19.27
CA PHE A 395 -9.81 33.42 -19.83
C PHE A 395 -11.27 32.99 -19.83
N ALA A 396 -11.95 33.14 -18.70
CA ALA A 396 -13.33 32.64 -18.61
C ALA A 396 -14.26 33.33 -19.60
N LYS A 397 -13.91 34.53 -20.05
CA LYS A 397 -14.76 35.30 -20.95
C LYS A 397 -14.39 35.17 -22.41
N LEU A 398 -13.32 34.44 -22.73
CA LEU A 398 -12.86 34.38 -24.12
C LEU A 398 -13.84 33.63 -25.00
N GLU A 399 -13.92 34.04 -26.26
CA GLU A 399 -14.68 33.29 -27.24
C GLU A 399 -13.87 32.12 -27.76
N ASP A 400 -14.56 31.08 -28.21
CA ASP A 400 -13.91 29.88 -28.70
C ASP A 400 -13.27 30.14 -30.06
N SER A 401 -12.05 29.63 -30.23
CA SER A 401 -11.41 29.57 -31.53
C SER A 401 -11.08 28.12 -31.86
N GLU A 402 -10.54 27.93 -33.07
CA GLU A 402 -10.15 26.63 -33.60
C GLU A 402 -8.64 26.50 -33.59
N ALA A 403 -8.18 25.24 -33.62
CA ALA A 403 -6.76 25.00 -33.86
C ALA A 403 -6.46 25.12 -35.35
N ASP A 404 -5.21 25.37 -35.66
CA ASP A 404 -4.76 25.28 -37.05
C ASP A 404 -4.78 23.81 -37.47
N PRO A 405 -5.41 23.47 -38.60
CA PRO A 405 -5.80 22.07 -38.82
C PRO A 405 -4.66 21.11 -39.15
N ALA A 406 -3.61 21.57 -39.83
CA ALA A 406 -2.65 20.66 -40.45
C ALA A 406 -2.06 19.67 -39.45
N MET A 407 -1.83 20.10 -38.22
CA MET A 407 -1.38 19.23 -37.15
C MET A 407 -2.21 19.46 -35.91
N GLY A 408 -3.49 19.80 -36.10
CA GLY A 408 -4.37 20.21 -35.02
C GLY A 408 -5.67 19.43 -34.95
N GLU A 409 -6.04 18.77 -36.04
CA GLU A 409 -7.23 17.93 -36.01
C GLU A 409 -6.96 16.70 -35.16
N TYR A 410 -7.99 16.20 -34.50
CA TYR A 410 -7.83 14.94 -33.80
C TYR A 410 -9.13 14.16 -33.79
N SER A 411 -9.00 12.85 -33.72
CA SER A 411 -10.10 11.91 -33.60
C SER A 411 -10.48 11.73 -32.14
N GLY A 412 -11.63 11.08 -31.93
CA GLY A 412 -12.04 10.78 -30.57
C GLY A 412 -11.09 9.82 -29.88
N ALA A 413 -10.38 9.00 -30.66
CA ALA A 413 -9.42 8.07 -30.08
C ALA A 413 -8.25 8.81 -29.44
N GLY A 414 -7.71 9.81 -30.14
CA GLY A 414 -6.70 10.65 -29.52
C GLY A 414 -7.21 11.41 -28.31
N ALA A 415 -8.48 11.83 -28.33
CA ALA A 415 -9.00 12.69 -27.28
C ALA A 415 -8.96 12.01 -25.91
N ILE A 416 -9.14 10.68 -25.87
CA ILE A 416 -9.23 9.99 -24.60
C ILE A 416 -7.87 9.50 -24.08
N PHE A 417 -6.78 9.85 -24.74
CA PHE A 417 -5.45 9.39 -24.29
C PHE A 417 -5.20 9.73 -22.84
N GLY A 418 -5.77 10.85 -22.35
CA GLY A 418 -5.45 11.36 -21.04
C GLY A 418 -6.05 10.62 -19.88
N ALA A 419 -6.93 9.65 -20.13
CA ALA A 419 -7.51 8.84 -19.07
C ALA A 419 -6.91 7.43 -19.12
N THR A 420 -6.82 6.81 -17.94
CA THR A 420 -6.33 5.45 -17.86
C THR A 420 -7.19 4.53 -18.71
N GLY A 421 -6.54 3.75 -19.57
CA GLY A 421 -7.23 2.92 -20.53
C GLY A 421 -7.51 3.60 -21.85
N GLY A 422 -7.28 4.91 -21.94
CA GLY A 422 -7.52 5.62 -23.19
C GLY A 422 -6.63 5.14 -24.32
N VAL A 423 -5.32 5.02 -24.05
CA VAL A 423 -4.39 4.54 -25.06
C VAL A 423 -4.78 3.15 -25.52
N MET A 424 -5.12 2.29 -24.57
CA MET A 424 -5.55 0.93 -24.88
C MET A 424 -6.76 0.95 -25.82
N GLU A 425 -7.80 1.68 -25.42
CA GLU A 425 -9.01 1.74 -26.22
C GLU A 425 -8.71 2.30 -27.61
N ALA A 426 -7.97 3.41 -27.67
CA ALA A 426 -7.66 4.01 -28.97
C ALA A 426 -6.88 3.05 -29.84
N ALA A 427 -5.90 2.36 -29.26
CA ALA A 427 -5.04 1.46 -30.02
C ALA A 427 -5.84 0.28 -30.56
N LEU A 428 -6.80 -0.21 -29.78
CA LEU A 428 -7.59 -1.35 -30.23
C LEU A 428 -8.53 -0.95 -31.37
N ARG A 429 -9.05 0.27 -31.35
CA ARG A 429 -9.94 0.71 -32.42
C ARG A 429 -9.24 0.66 -33.77
N SER A 430 -7.94 0.96 -33.80
CA SER A 430 -7.17 0.91 -35.04
C SER A 430 -6.60 -0.48 -35.32
N ALA A 431 -6.02 -1.12 -34.32
CA ALA A 431 -5.42 -2.44 -34.55
C ALA A 431 -6.46 -3.42 -35.08
N LYS A 432 -7.69 -3.31 -34.60
CA LYS A 432 -8.75 -4.22 -35.04
C LYS A 432 -9.12 -3.97 -36.49
N ASP A 433 -9.26 -2.71 -36.88
CA ASP A 433 -9.51 -2.37 -38.28
C ASP A 433 -8.34 -2.80 -39.15
N PHE A 434 -7.12 -2.48 -38.72
CA PHE A 434 -5.93 -2.86 -39.47
C PHE A 434 -5.88 -4.37 -39.70
N ALA A 435 -6.09 -5.15 -38.64
CA ALA A 435 -5.86 -6.59 -38.74
C ALA A 435 -6.94 -7.27 -39.55
N GLU A 436 -8.19 -6.83 -39.42
CA GLU A 436 -9.31 -7.44 -40.11
C GLU A 436 -9.59 -6.75 -41.44
N ASN A 437 -8.83 -5.71 -41.77
CA ASN A 437 -9.06 -4.93 -42.99
C ASN A 437 -10.53 -4.57 -43.11
N ALA A 438 -11.02 -3.89 -42.07
CA ALA A 438 -12.43 -3.61 -41.92
C ALA A 438 -12.62 -2.24 -41.28
N GLU A 439 -13.87 -1.78 -41.31
CA GLU A 439 -14.28 -0.52 -40.68
C GLU A 439 -15.33 -0.87 -39.64
N LEU A 440 -14.88 -1.37 -38.50
CA LEU A 440 -15.82 -1.87 -37.50
C LEU A 440 -16.59 -0.74 -36.85
N GLU A 441 -17.81 -1.04 -36.48
CA GLU A 441 -18.76 -0.09 -35.92
C GLU A 441 -18.71 -0.07 -34.40
N ASP A 442 -18.38 -1.20 -33.78
CA ASP A 442 -18.33 -1.33 -32.33
C ASP A 442 -16.92 -0.98 -31.86
N ILE A 443 -16.76 0.19 -31.24
CA ILE A 443 -15.45 0.74 -30.95
C ILE A 443 -15.25 1.09 -29.48
N GLU A 444 -16.25 0.89 -28.64
CA GLU A 444 -16.17 1.29 -27.24
C GLU A 444 -15.72 0.11 -26.40
N TYR A 445 -14.57 0.25 -25.76
CA TYR A 445 -13.96 -0.79 -24.93
C TYR A 445 -14.09 -0.39 -23.47
N LYS A 446 -15.31 -0.49 -22.94
CA LYS A 446 -15.58 0.01 -21.60
C LYS A 446 -14.86 -0.82 -20.54
N GLN A 447 -14.42 -2.03 -20.90
CA GLN A 447 -13.79 -2.92 -19.94
C GLN A 447 -12.42 -2.41 -19.49
N VAL A 448 -11.78 -1.54 -20.26
CA VAL A 448 -10.45 -1.04 -19.91
C VAL A 448 -10.51 0.32 -19.24
N ARG A 449 -11.70 0.88 -19.04
CA ARG A 449 -11.84 2.20 -18.47
C ARG A 449 -11.98 2.12 -16.95
N GLY A 450 -11.84 3.28 -16.32
CA GLY A 450 -12.13 3.41 -14.90
C GLY A 450 -10.89 3.28 -14.03
N LEU A 451 -11.13 3.44 -12.73
CA LEU A 451 -10.06 3.68 -11.77
C LEU A 451 -9.55 2.42 -11.09
N ASN A 452 -10.03 1.23 -11.47
CA ASN A 452 -9.39 0.00 -11.00
C ASN A 452 -7.90 0.06 -11.29
N GLY A 453 -7.09 -0.41 -10.35
CA GLY A 453 -5.64 -0.27 -10.48
C GLY A 453 -5.05 -1.17 -11.56
N ILE A 454 -5.60 -2.37 -11.71
CA ILE A 454 -5.16 -3.31 -12.73
C ILE A 454 -6.42 -3.78 -13.44
N LYS A 455 -6.47 -3.61 -14.76
CA LYS A 455 -7.63 -3.94 -15.55
C LYS A 455 -7.18 -4.87 -16.67
N GLU A 456 -7.90 -5.96 -16.88
CA GLU A 456 -7.58 -6.84 -17.99
C GLU A 456 -8.85 -7.12 -18.77
N ALA A 457 -8.64 -7.51 -20.03
CA ALA A 457 -9.73 -7.85 -20.92
C ALA A 457 -9.19 -8.84 -21.94
N GLU A 458 -10.09 -9.66 -22.46
CA GLU A 458 -9.81 -10.50 -23.61
C GLU A 458 -10.48 -9.87 -24.81
N VAL A 459 -9.75 -9.73 -25.91
CA VAL A 459 -10.27 -9.13 -27.11
C VAL A 459 -10.03 -10.07 -28.28
N GLU A 460 -10.93 -10.02 -29.25
CA GLU A 460 -10.90 -10.89 -30.42
C GLU A 460 -10.44 -10.08 -31.61
N ILE A 461 -9.30 -10.45 -32.19
CA ILE A 461 -8.76 -9.75 -33.34
C ILE A 461 -8.61 -10.76 -34.48
N ASN A 462 -9.48 -10.65 -35.48
CA ASN A 462 -9.42 -11.55 -36.64
C ASN A 462 -9.63 -13.00 -36.20
N ASN A 463 -10.68 -13.20 -35.39
CA ASN A 463 -11.05 -14.52 -34.87
C ASN A 463 -9.86 -15.22 -34.21
N ASN A 464 -9.10 -14.45 -33.42
CA ASN A 464 -8.12 -14.98 -32.49
C ASN A 464 -8.24 -14.15 -31.22
N LYS A 465 -8.14 -14.79 -30.06
CA LYS A 465 -8.31 -14.11 -28.79
C LYS A 465 -6.97 -13.62 -28.26
N TYR A 466 -6.95 -12.37 -27.78
CA TYR A 466 -5.74 -11.79 -27.20
C TYR A 466 -6.06 -11.21 -25.84
N ASN A 467 -5.04 -11.16 -24.99
CA ASN A 467 -5.18 -10.67 -23.63
C ASN A 467 -4.48 -9.32 -23.51
N VAL A 468 -5.22 -8.33 -23.01
CA VAL A 468 -4.64 -7.01 -22.76
C VAL A 468 -4.80 -6.68 -21.29
N ALA A 469 -3.92 -5.80 -20.81
CA ALA A 469 -4.02 -5.27 -19.46
C ALA A 469 -3.74 -3.78 -19.49
N VAL A 470 -4.41 -3.07 -18.60
CA VAL A 470 -4.18 -1.65 -18.38
C VAL A 470 -3.71 -1.51 -16.93
N ILE A 471 -2.49 -1.03 -16.76
CA ILE A 471 -1.89 -0.82 -15.45
C ILE A 471 -2.03 0.66 -15.14
N ASN A 472 -2.71 0.95 -14.04
CA ASN A 472 -3.20 2.28 -13.71
C ASN A 472 -2.48 2.78 -12.46
N GLY A 473 -1.30 3.35 -12.65
CA GLY A 473 -0.50 3.89 -11.55
C GLY A 473 0.76 3.07 -11.34
N ALA A 474 1.86 3.76 -10.99
CA ALA A 474 3.17 3.09 -10.91
C ALA A 474 3.20 2.04 -9.80
N SER A 475 2.51 2.28 -8.68
CA SER A 475 2.48 1.27 -7.64
C SER A 475 1.82 -0.02 -8.14
N ASN A 476 0.85 0.10 -9.06
CA ASN A 476 0.18 -1.07 -9.61
C ASN A 476 1.04 -1.79 -10.63
N LEU A 477 1.99 -1.11 -11.27
CA LEU A 477 2.97 -1.81 -12.09
C LEU A 477 3.81 -2.75 -11.22
N PHE A 478 4.30 -2.23 -10.09
CA PHE A 478 5.03 -3.08 -9.15
C PHE A 478 4.18 -4.26 -8.69
N LYS A 479 2.90 -4.02 -8.36
CA LYS A 479 2.04 -5.11 -7.90
C LYS A 479 1.88 -6.18 -8.99
N PHE A 480 1.59 -5.72 -10.21
CA PHE A 480 1.45 -6.62 -11.36
C PHE A 480 2.69 -7.48 -11.56
N MET A 481 3.89 -6.88 -11.49
CA MET A 481 5.11 -7.63 -11.75
C MET A 481 5.49 -8.51 -10.55
N LYS A 482 5.55 -7.91 -9.36
CA LYS A 482 6.09 -8.64 -8.22
C LYS A 482 5.19 -9.82 -7.82
N SER A 483 3.90 -9.69 -8.01
CA SER A 483 2.97 -10.74 -7.64
C SER A 483 2.89 -11.86 -8.66
N GLY A 484 3.63 -11.75 -9.77
CA GLY A 484 3.61 -12.75 -10.81
C GLY A 484 2.42 -12.68 -11.73
N MET A 485 1.59 -11.63 -11.64
CA MET A 485 0.39 -11.58 -12.46
C MET A 485 0.73 -11.63 -13.94
N ILE A 486 1.87 -11.05 -14.32
CA ILE A 486 2.28 -11.09 -15.71
C ILE A 486 2.44 -12.52 -16.20
N ASN A 487 2.51 -13.49 -15.29
CA ASN A 487 2.69 -14.89 -15.64
C ASN A 487 1.45 -15.75 -15.46
N GLU A 488 0.32 -15.19 -15.05
CA GLU A 488 -0.88 -16.01 -14.93
C GLU A 488 -1.54 -16.26 -16.28
N LYS A 489 -1.17 -15.50 -17.29
CA LYS A 489 -1.62 -15.74 -18.65
C LYS A 489 -0.66 -15.03 -19.60
N GLN A 490 -0.80 -15.32 -20.89
CA GLN A 490 0.02 -14.64 -21.88
C GLN A 490 -0.67 -13.32 -22.22
N TYR A 491 -0.04 -12.21 -21.85
CA TYR A 491 -0.51 -10.90 -22.26
C TYR A 491 0.14 -10.51 -23.57
N HIS A 492 -0.61 -9.82 -24.41
CA HIS A 492 -0.11 -9.40 -25.71
C HIS A 492 0.10 -7.90 -25.83
N PHE A 493 -0.68 -7.11 -25.12
CA PHE A 493 -0.55 -5.65 -25.17
C PHE A 493 -0.93 -5.08 -23.81
N ILE A 494 -0.03 -4.29 -23.23
CA ILE A 494 -0.20 -3.74 -21.89
C ILE A 494 0.03 -2.24 -21.95
N GLU A 495 -0.97 -1.47 -21.49
CA GLU A 495 -0.83 -0.04 -21.26
C GLU A 495 -0.37 0.20 -19.83
N VAL A 496 0.61 1.08 -19.65
CA VAL A 496 1.05 1.49 -18.33
C VAL A 496 1.06 3.00 -18.24
N MET A 497 0.38 3.53 -17.23
CA MET A 497 0.55 4.92 -16.83
C MET A 497 1.04 5.04 -15.39
N ALA A 498 1.98 5.95 -15.19
CA ALA A 498 2.58 6.10 -13.87
C ALA A 498 1.64 6.77 -12.88
N CYS A 499 0.73 7.61 -13.36
CA CYS A 499 -0.17 8.36 -12.49
C CYS A 499 -1.53 7.68 -12.44
N HIS A 500 -2.01 7.38 -11.22
CA HIS A 500 -3.28 6.73 -11.09
C HIS A 500 -4.39 7.64 -11.62
N GLY A 501 -5.22 7.09 -12.51
CA GLY A 501 -6.21 7.86 -13.23
C GLY A 501 -5.78 8.24 -14.63
N GLY A 502 -4.51 8.06 -14.94
CA GLY A 502 -3.94 8.55 -16.18
C GLY A 502 -3.45 9.97 -16.04
N CYS A 503 -3.15 10.56 -17.21
CA CYS A 503 -2.55 11.89 -17.22
C CYS A 503 -3.48 12.98 -16.69
N VAL A 504 -4.79 12.73 -16.62
CA VAL A 504 -5.64 13.73 -16.00
C VAL A 504 -5.22 13.97 -14.56
N ASN A 505 -4.52 13.02 -13.93
CA ASN A 505 -4.01 13.16 -12.57
C ASN A 505 -2.49 13.36 -12.54
N GLY A 506 -1.94 13.98 -13.59
CA GLY A 506 -0.50 14.15 -13.67
C GLY A 506 0.08 15.15 -12.69
N GLY A 507 1.42 15.13 -12.61
CA GLY A 507 2.15 15.92 -11.64
C GLY A 507 2.23 17.39 -11.98
N GLY A 508 1.79 17.78 -13.17
CA GLY A 508 1.74 19.17 -13.58
C GLY A 508 0.35 19.77 -13.54
N GLN A 509 -0.61 19.09 -12.92
CA GLN A 509 -2.01 19.52 -12.95
C GLN A 509 -2.31 20.51 -11.83
N PRO A 510 -3.43 21.23 -11.93
CA PRO A 510 -3.84 22.12 -10.84
C PRO A 510 -3.90 21.37 -9.51
N HIS A 511 -3.37 22.00 -8.47
CA HIS A 511 -3.61 21.48 -7.12
C HIS A 511 -5.08 21.58 -6.79
N VAL A 512 -5.56 20.61 -6.02
CA VAL A 512 -6.95 20.57 -5.57
C VAL A 512 -6.91 20.49 -4.04
N ASN A 513 -7.71 21.33 -3.40
CA ASN A 513 -7.77 21.33 -1.94
C ASN A 513 -8.24 19.97 -1.44
N PRO A 514 -7.65 19.45 -0.36
CA PRO A 514 -8.12 18.15 0.18
C PRO A 514 -9.61 18.11 0.47
N LYS A 515 -10.20 19.23 0.89
CA LYS A 515 -11.65 19.24 1.12
C LYS A 515 -12.41 19.14 -0.20
N ASP A 516 -11.94 19.83 -1.23
CA ASP A 516 -12.53 19.68 -2.55
C ASP A 516 -12.41 18.24 -3.05
N LEU A 517 -11.30 17.57 -2.71
CA LEU A 517 -11.06 16.22 -3.20
C LEU A 517 -12.07 15.23 -2.63
N GLU A 518 -12.57 15.49 -1.42
CA GLU A 518 -13.59 14.60 -0.88
C GLU A 518 -14.98 14.89 -1.44
N LYS A 519 -15.18 16.07 -2.03
CA LYS A 519 -16.45 16.39 -2.68
C LYS A 519 -16.50 15.97 -4.14
N VAL A 520 -15.35 15.97 -4.82
CA VAL A 520 -15.27 15.74 -6.26
C VAL A 520 -14.30 14.59 -6.53
N ASP A 521 -14.69 13.68 -7.43
CA ASP A 521 -13.80 12.62 -7.88
C ASP A 521 -13.01 13.19 -9.06
N ILE A 522 -11.88 13.82 -8.74
CA ILE A 522 -11.15 14.61 -9.73
C ILE A 522 -10.73 13.77 -10.92
N LYS A 523 -10.30 12.53 -10.69
CA LYS A 523 -9.86 11.70 -11.80
C LYS A 523 -11.01 11.41 -12.74
N LYS A 524 -12.19 11.09 -12.20
CA LYS A 524 -13.32 10.77 -13.06
C LYS A 524 -13.88 12.02 -13.73
N VAL A 525 -13.91 13.15 -13.03
CA VAL A 525 -14.52 14.34 -13.59
C VAL A 525 -13.67 14.91 -14.72
N ARG A 526 -12.35 14.96 -14.52
CA ARG A 526 -11.47 15.39 -15.60
C ARG A 526 -11.59 14.44 -16.79
N ALA A 527 -11.56 13.13 -16.52
CA ALA A 527 -11.65 12.16 -17.60
C ALA A 527 -12.97 12.27 -18.35
N SER A 528 -14.04 12.66 -17.65
CA SER A 528 -15.35 12.76 -18.29
C SER A 528 -15.34 13.74 -19.44
N VAL A 529 -14.55 14.80 -19.34
CA VAL A 529 -14.46 15.77 -20.44
C VAL A 529 -13.93 15.10 -21.70
N LEU A 530 -12.98 14.18 -21.54
CA LEU A 530 -12.37 13.55 -22.71
C LEU A 530 -13.31 12.55 -23.36
N TYR A 531 -13.91 11.68 -22.55
CA TYR A 531 -14.84 10.71 -23.10
C TYR A 531 -16.02 11.41 -23.77
N ASN A 532 -16.42 12.56 -23.23
CA ASN A 532 -17.50 13.33 -23.86
C ASN A 532 -17.10 13.82 -25.25
N GLN A 533 -15.86 14.31 -25.40
CA GLN A 533 -15.40 14.72 -26.72
C GLN A 533 -15.42 13.55 -27.69
N ASP A 534 -14.86 12.41 -27.27
CA ASP A 534 -14.88 11.21 -28.11
C ASP A 534 -16.29 10.89 -28.59
N GLU A 535 -17.26 10.96 -27.68
CA GLU A 535 -18.63 10.60 -28.00
C GLU A 535 -19.22 11.49 -29.08
N HIS A 536 -18.81 12.76 -29.14
CA HIS A 536 -19.43 13.73 -30.01
C HIS A 536 -18.61 14.07 -31.23
N LEU A 537 -17.46 13.41 -31.43
CA LEU A 537 -16.62 13.63 -32.59
C LEU A 537 -17.02 12.70 -33.73
N SER A 538 -16.93 13.21 -34.96
CA SER A 538 -17.32 12.41 -36.11
C SER A 538 -16.30 11.31 -36.40
N LYS A 539 -15.00 11.63 -36.34
CA LYS A 539 -13.95 10.65 -36.48
C LYS A 539 -13.57 10.15 -35.10
N ARG A 540 -13.68 8.84 -34.87
CA ARG A 540 -13.38 8.25 -33.57
C ARG A 540 -12.30 7.19 -33.64
N LYS A 541 -11.60 7.09 -34.76
CA LYS A 541 -10.42 6.24 -34.90
C LYS A 541 -9.27 7.11 -35.38
N SER A 542 -8.06 6.81 -34.91
CA SER A 542 -6.91 7.65 -35.24
C SER A 542 -6.63 7.66 -36.74
N HIS A 543 -6.88 6.55 -37.43
CA HIS A 543 -6.61 6.49 -38.86
C HIS A 543 -7.70 7.13 -39.71
N GLU A 544 -8.72 7.73 -39.10
CA GLU A 544 -9.73 8.50 -39.80
C GLU A 544 -9.48 9.99 -39.73
N ASN A 545 -8.44 10.40 -39.00
CA ASN A 545 -8.01 11.79 -38.90
C ASN A 545 -7.56 12.25 -40.29
N THR A 546 -8.31 13.18 -40.90
CA THR A 546 -8.05 13.54 -42.29
C THR A 546 -6.70 14.26 -42.44
N ALA A 547 -6.38 15.17 -41.53
CA ALA A 547 -5.09 15.85 -41.61
C ALA A 547 -3.93 14.87 -41.42
N LEU A 548 -4.13 13.87 -40.58
CA LEU A 548 -3.09 12.88 -40.36
C LEU A 548 -2.91 12.01 -41.60
N VAL A 549 -4.02 11.61 -42.22
CA VAL A 549 -3.92 10.77 -43.42
C VAL A 549 -3.15 11.51 -44.50
N LYS A 550 -3.42 12.80 -44.66
CA LYS A 550 -2.70 13.61 -45.67
C LYS A 550 -1.21 13.64 -45.37
N MET A 551 -0.85 13.82 -44.09
CA MET A 551 0.54 13.76 -43.69
C MET A 551 1.22 12.47 -44.13
N TYR A 552 0.60 11.32 -43.83
CA TYR A 552 1.22 10.06 -44.18
C TYR A 552 1.27 9.85 -45.68
N GLN A 553 0.18 10.18 -46.38
CA GLN A 553 0.16 10.00 -47.83
C GLN A 553 1.22 10.86 -48.51
N ASN A 554 1.37 12.11 -48.08
CA ASN A 554 2.22 13.06 -48.78
C ASN A 554 3.65 13.10 -48.27
N TYR A 555 3.94 12.60 -47.07
CA TYR A 555 5.27 12.79 -46.52
C TYR A 555 5.90 11.54 -45.89
N PHE A 556 5.21 10.88 -44.96
CA PHE A 556 5.84 9.78 -44.22
C PHE A 556 5.70 8.43 -44.90
N GLY A 557 4.69 8.22 -45.73
CA GLY A 557 4.50 6.91 -46.33
C GLY A 557 3.71 6.00 -45.40
N LYS A 558 3.94 4.69 -45.54
CA LYS A 558 3.19 3.72 -44.74
C LYS A 558 3.71 3.73 -43.31
N PRO A 559 2.84 3.74 -42.32
CA PRO A 559 3.31 3.70 -40.92
C PRO A 559 4.03 2.39 -40.61
N GLY A 560 4.88 2.44 -39.60
CA GLY A 560 5.51 1.26 -39.05
C GLY A 560 6.65 0.70 -39.87
N GLU A 561 7.08 1.38 -40.92
CA GLU A 561 8.18 0.89 -41.73
C GLU A 561 8.83 2.06 -42.46
N GLY A 562 9.99 1.78 -43.06
CA GLY A 562 10.62 2.75 -43.94
C GLY A 562 10.88 4.08 -43.26
N ARG A 563 10.46 5.15 -43.94
CA ARG A 563 10.67 6.50 -43.44
C ARG A 563 10.00 6.69 -42.09
N ALA A 564 8.76 6.22 -41.96
CA ALA A 564 8.03 6.42 -40.72
C ALA A 564 8.76 5.76 -39.55
N HIS A 565 9.24 4.53 -39.74
CA HIS A 565 9.93 3.86 -38.64
C HIS A 565 11.26 4.55 -38.34
N GLU A 566 11.97 4.96 -39.37
CA GLU A 566 13.27 5.60 -39.17
C GLU A 566 13.15 6.90 -38.39
N ILE A 567 12.08 7.65 -38.57
CA ILE A 567 11.98 9.01 -38.06
C ILE A 567 11.11 9.09 -36.80
N LEU A 568 10.02 8.31 -36.74
CA LEU A 568 8.99 8.50 -35.73
C LEU A 568 9.08 7.50 -34.58
N HIS A 569 10.12 6.70 -34.53
CA HIS A 569 10.28 5.68 -33.50
C HIS A 569 11.53 5.94 -32.69
N PHE A 570 11.57 5.33 -31.50
CA PHE A 570 12.65 5.51 -30.54
C PHE A 570 12.72 4.23 -29.71
N LYS A 571 13.88 3.61 -29.68
CA LYS A 571 14.07 2.33 -28.98
C LYS A 571 14.88 2.54 -27.72
N TYR A 572 14.44 1.94 -26.62
CA TYR A 572 15.18 1.96 -25.36
C TYR A 572 15.94 0.65 -25.22
N LYS A 573 17.16 0.73 -24.73
CA LYS A 573 18.02 -0.44 -24.60
C LYS A 573 18.53 -0.53 -23.16
N LYS A 574 18.52 -1.75 -22.62
CA LYS A 574 19.15 -1.98 -21.32
C LYS A 574 20.66 -1.87 -21.44
N SER A 575 21.32 -1.54 -20.34
CA SER A 575 22.78 -1.55 -20.30
C SER A 575 23.30 -2.98 -20.41
N ALA A 576 24.41 -3.14 -21.12
CA ALA A 576 25.00 -4.46 -21.24
C ALA A 576 25.53 -4.93 -19.89
N TRP A 577 25.69 -6.24 -19.76
CA TRP A 577 26.24 -6.76 -18.51
C TRP A 577 27.61 -6.16 -18.21
N SER A 578 27.82 -5.78 -16.96
CA SER A 578 29.14 -5.31 -16.52
C SER A 578 29.33 -5.71 -15.06
N HIS A 579 30.60 -5.70 -14.63
CA HIS A 579 30.94 -5.96 -13.24
C HIS A 579 32.01 -4.96 -12.80
N PRO A 580 31.86 -4.34 -11.62
CA PRO A 580 30.75 -4.45 -10.68
C PRO A 580 29.53 -3.65 -11.13
N GLN A 581 28.37 -3.92 -10.52
CA GLN A 581 27.15 -3.16 -10.77
C GLN A 581 27.12 -2.01 -9.78
N LYS B 2 -27.95 10.53 -3.49
CA LYS B 2 -28.30 9.56 -4.50
C LYS B 2 -29.51 8.75 -4.06
N THR B 3 -30.33 8.32 -5.03
CA THR B 3 -31.45 7.42 -4.76
C THR B 3 -31.19 6.11 -5.49
N ILE B 4 -31.39 5.00 -4.80
CA ILE B 4 -30.99 3.68 -5.27
C ILE B 4 -32.15 2.71 -5.07
N ILE B 5 -32.31 1.78 -6.01
CA ILE B 5 -33.31 0.74 -5.92
C ILE B 5 -32.58 -0.61 -5.93
N ILE B 6 -32.60 -1.30 -4.81
CA ILE B 6 -31.98 -2.60 -4.67
C ILE B 6 -33.08 -3.60 -4.34
N ASN B 7 -33.39 -4.48 -5.29
CA ASN B 7 -34.44 -5.47 -5.12
C ASN B 7 -35.76 -4.80 -4.72
N GLY B 8 -36.14 -3.79 -5.51
CA GLY B 8 -37.39 -3.09 -5.31
C GLY B 8 -37.43 -2.12 -4.15
N VAL B 9 -36.47 -2.20 -3.23
CA VAL B 9 -36.43 -1.31 -2.08
C VAL B 9 -35.68 -0.05 -2.46
N GLN B 10 -36.15 1.10 -1.99
CA GLN B 10 -35.54 2.38 -2.31
C GLN B 10 -34.54 2.79 -1.25
N PHE B 11 -33.49 3.49 -1.70
CA PHE B 11 -32.40 3.92 -0.83
C PHE B 11 -31.95 5.29 -1.27
N ASN B 12 -31.90 6.24 -0.32
CA ASN B 12 -31.44 7.60 -0.57
C ASN B 12 -30.16 7.81 0.23
N THR B 13 -29.05 8.03 -0.48
CA THR B 13 -27.76 8.11 0.19
C THR B 13 -26.82 9.02 -0.57
N ASP B 14 -25.85 9.56 0.16
CA ASP B 14 -24.77 10.36 -0.40
C ASP B 14 -23.43 9.63 -0.35
N GLU B 15 -23.39 8.42 0.21
CA GLU B 15 -22.15 7.68 0.35
C GLU B 15 -21.55 7.38 -1.02
N ASP B 16 -20.23 7.48 -1.11
CA ASP B 16 -19.47 7.11 -2.31
C ASP B 16 -18.83 5.76 -2.01
N THR B 17 -19.52 4.68 -2.39
CA THR B 17 -19.08 3.34 -2.03
C THR B 17 -19.49 2.36 -3.12
N THR B 18 -19.04 1.11 -2.95
CA THR B 18 -19.36 0.07 -3.91
C THR B 18 -20.74 -0.51 -3.62
N ILE B 19 -21.32 -1.16 -4.63
CA ILE B 19 -22.56 -1.90 -4.40
C ILE B 19 -22.38 -2.88 -3.25
N LEU B 20 -21.24 -3.58 -3.22
CA LEU B 20 -21.02 -4.59 -2.19
C LEU B 20 -21.06 -3.97 -0.80
N LYS B 21 -20.24 -2.94 -0.57
CA LYS B 21 -20.16 -2.37 0.78
C LYS B 21 -21.50 -1.78 1.19
N PHE B 22 -22.20 -1.13 0.27
CA PHE B 22 -23.50 -0.57 0.60
C PHE B 22 -24.46 -1.66 1.06
N ALA B 23 -24.50 -2.78 0.33
CA ALA B 23 -25.36 -3.89 0.71
C ALA B 23 -24.97 -4.44 2.08
N ARG B 24 -23.66 -4.63 2.32
CA ARG B 24 -23.20 -5.15 3.60
C ARG B 24 -23.46 -4.19 4.74
N ASP B 25 -23.78 -2.92 4.45
CA ASP B 25 -24.12 -1.95 5.47
C ASP B 25 -25.62 -1.85 5.70
N ASN B 26 -26.42 -2.32 4.74
CA ASN B 26 -27.88 -2.26 4.81
C ASN B 26 -28.48 -3.66 4.89
N ASN B 27 -27.74 -4.60 5.47
CA ASN B 27 -28.15 -5.99 5.64
C ASN B 27 -28.85 -6.53 4.39
N ILE B 28 -28.21 -6.28 3.25
CA ILE B 28 -28.56 -6.93 1.99
C ILE B 28 -27.50 -7.99 1.72
N ASP B 29 -27.93 -9.18 1.32
CA ASP B 29 -27.03 -10.30 1.14
C ASP B 29 -26.48 -10.30 -0.28
N ILE B 30 -25.18 -10.06 -0.41
CA ILE B 30 -24.44 -10.26 -1.65
C ILE B 30 -23.24 -11.13 -1.30
N SER B 31 -23.07 -12.21 -2.05
CA SER B 31 -21.94 -13.09 -1.80
C SER B 31 -20.67 -12.49 -2.37
N ALA B 32 -19.55 -12.95 -1.84
CA ALA B 32 -18.25 -12.52 -2.34
C ALA B 32 -17.26 -13.63 -2.02
N LEU B 33 -16.21 -13.73 -2.82
CA LEU B 33 -15.18 -14.72 -2.53
C LEU B 33 -13.81 -14.06 -2.61
N CYS B 34 -13.44 -13.55 -3.78
CA CYS B 34 -12.06 -13.10 -3.94
C CYS B 34 -11.84 -11.71 -3.35
N PHE B 35 -12.90 -11.01 -2.95
CA PHE B 35 -12.75 -9.69 -2.36
C PHE B 35 -12.35 -9.81 -0.90
N LEU B 36 -11.23 -9.18 -0.54
CA LEU B 36 -10.73 -9.15 0.83
C LEU B 36 -9.64 -8.09 0.90
N ASN B 37 -9.47 -7.51 2.08
CA ASN B 37 -8.44 -6.49 2.26
C ASN B 37 -8.59 -5.39 1.21
N ASN B 38 -9.85 -5.10 0.87
CA ASN B 38 -10.22 -4.03 -0.06
C ASN B 38 -9.65 -4.21 -1.47
N CYS B 39 -9.30 -5.44 -1.85
CA CYS B 39 -9.03 -5.76 -3.24
C CYS B 39 -9.69 -7.07 -3.63
N ASN B 40 -9.99 -7.20 -4.91
CA ASN B 40 -10.38 -8.46 -5.52
C ASN B 40 -9.23 -8.94 -6.40
N ASN B 41 -9.48 -10.06 -7.07
CA ASN B 41 -8.48 -10.74 -7.90
C ASN B 41 -8.53 -10.08 -9.28
N ASP B 42 -7.70 -9.05 -9.47
CA ASP B 42 -7.85 -8.21 -10.65
C ASP B 42 -7.72 -9.00 -11.94
N ILE B 43 -6.82 -9.98 -11.97
CA ILE B 43 -6.48 -10.73 -13.19
C ILE B 43 -7.44 -11.87 -13.49
N ASN B 44 -8.34 -12.20 -12.57
CA ASN B 44 -9.19 -13.37 -12.70
C ASN B 44 -10.32 -13.22 -11.69
N LYS B 45 -11.14 -12.18 -11.85
CA LYS B 45 -12.18 -11.88 -10.87
C LYS B 45 -13.13 -13.07 -10.75
N CYS B 46 -13.46 -13.44 -9.51
CA CYS B 46 -14.27 -14.63 -9.27
C CYS B 46 -15.71 -14.45 -9.74
N GLU B 47 -16.22 -13.21 -9.69
CA GLU B 47 -17.57 -12.86 -10.14
C GLU B 47 -18.66 -13.45 -9.25
N ILE B 48 -18.31 -13.92 -8.05
CA ILE B 48 -19.31 -14.41 -7.11
C ILE B 48 -20.18 -13.27 -6.58
N CYS B 49 -19.68 -12.04 -6.64
CA CYS B 49 -20.39 -10.85 -6.19
C CYS B 49 -21.26 -10.26 -7.29
N THR B 50 -21.54 -11.04 -8.34
CA THR B 50 -22.29 -10.53 -9.48
C THR B 50 -23.67 -10.04 -9.04
N VAL B 51 -24.06 -8.86 -9.54
CA VAL B 51 -25.42 -8.36 -9.41
C VAL B 51 -25.86 -7.81 -10.77
N GLU B 52 -27.16 -7.53 -10.88
CA GLU B 52 -27.74 -6.97 -12.08
C GLU B 52 -28.04 -5.50 -11.88
N VAL B 53 -27.46 -4.65 -12.73
CA VAL B 53 -27.79 -3.23 -12.77
C VAL B 53 -28.68 -3.02 -13.99
N GLU B 54 -29.96 -2.76 -13.76
CA GLU B 54 -30.90 -2.65 -14.87
C GLU B 54 -30.44 -1.59 -15.85
N GLY B 55 -30.41 -1.96 -17.14
CA GLY B 55 -29.93 -1.10 -18.18
C GLY B 55 -28.46 -1.24 -18.50
N THR B 56 -27.68 -1.80 -17.58
CA THR B 56 -26.25 -2.04 -17.78
C THR B 56 -25.90 -3.50 -17.94
N GLY B 57 -26.52 -4.37 -17.14
CA GLY B 57 -26.25 -5.79 -17.18
C GLY B 57 -25.61 -6.29 -15.90
N LEU B 58 -24.97 -7.45 -16.00
CA LEU B 58 -24.31 -8.07 -14.86
C LEU B 58 -22.99 -7.36 -14.59
N VAL B 59 -22.76 -7.01 -13.32
CA VAL B 59 -21.54 -6.32 -12.90
C VAL B 59 -21.07 -6.97 -11.61
N THR B 60 -19.78 -6.79 -11.31
CA THR B 60 -19.23 -7.28 -10.04
C THR B 60 -19.45 -6.21 -8.97
N ALA B 61 -20.26 -6.54 -7.97
CA ALA B 61 -20.61 -5.58 -6.93
C ALA B 61 -19.41 -5.14 -6.09
N CYS B 62 -18.36 -5.95 -6.00
CA CYS B 62 -17.26 -5.60 -5.08
C CYS B 62 -16.41 -4.45 -5.60
N ASP B 63 -16.45 -4.12 -6.88
CA ASP B 63 -15.66 -3.02 -7.40
C ASP B 63 -16.47 -2.12 -8.33
N THR B 64 -17.78 -2.07 -8.12
CA THR B 64 -18.69 -1.21 -8.89
C THR B 64 -19.35 -0.22 -7.93
N LEU B 65 -19.16 1.07 -8.19
CA LEU B 65 -19.71 2.09 -7.32
C LEU B 65 -21.21 2.29 -7.59
N ILE B 66 -21.95 2.59 -6.53
CA ILE B 66 -23.37 2.92 -6.67
C ILE B 66 -23.49 4.26 -7.37
N GLU B 67 -24.52 4.39 -8.21
CA GLU B 67 -24.81 5.63 -8.90
C GLU B 67 -26.29 5.97 -8.73
N ASP B 68 -26.56 7.25 -8.49
CA ASP B 68 -27.94 7.73 -8.43
C ASP B 68 -28.74 7.23 -9.63
N GLY B 69 -29.87 6.60 -9.35
CA GLY B 69 -30.72 6.07 -10.40
C GLY B 69 -30.45 4.63 -10.77
N MET B 70 -29.52 3.96 -10.09
CA MET B 70 -29.32 2.54 -10.33
C MET B 70 -30.51 1.75 -9.84
N ILE B 71 -30.94 0.77 -10.63
CA ILE B 71 -31.86 -0.26 -10.18
C ILE B 71 -31.07 -1.57 -10.18
N ILE B 72 -30.89 -2.15 -8.99
CA ILE B 72 -30.01 -3.29 -8.79
C ILE B 72 -30.85 -4.48 -8.34
N ASN B 73 -30.63 -5.62 -8.99
CA ASN B 73 -31.24 -6.88 -8.58
C ASN B 73 -30.13 -7.85 -8.21
N THR B 74 -30.11 -8.26 -6.95
CA THR B 74 -29.09 -9.17 -6.44
C THR B 74 -29.44 -10.63 -6.62
N ASN B 75 -30.70 -10.95 -6.92
CA ASN B 75 -31.18 -12.32 -6.88
C ASN B 75 -31.91 -12.73 -8.17
N SER B 76 -31.64 -12.06 -9.28
CA SER B 76 -32.30 -12.41 -10.53
C SER B 76 -31.84 -13.77 -11.03
N ASP B 77 -32.60 -14.32 -11.98
CA ASP B 77 -32.20 -15.60 -12.58
C ASP B 77 -30.86 -15.50 -13.27
N ALA B 78 -30.62 -14.39 -13.98
CA ALA B 78 -29.33 -14.20 -14.65
C ALA B 78 -28.19 -14.17 -13.63
N VAL B 79 -28.41 -13.50 -12.49
CA VAL B 79 -27.37 -13.40 -11.47
C VAL B 79 -27.05 -14.78 -10.91
N ASN B 80 -28.06 -15.47 -10.40
CA ASN B 80 -27.81 -16.75 -9.74
C ASN B 80 -27.27 -17.78 -10.71
N GLU B 81 -27.69 -17.72 -11.98
CA GLU B 81 -27.09 -18.59 -12.99
C GLU B 81 -25.59 -18.34 -13.11
N LYS B 82 -25.21 -17.06 -13.13
CA LYS B 82 -23.80 -16.71 -13.27
C LYS B 82 -22.98 -17.21 -12.09
N ILE B 83 -23.47 -16.96 -10.87
CA ILE B 83 -22.72 -17.32 -9.67
C ILE B 83 -22.60 -18.84 -9.56
N LYS B 84 -23.73 -19.55 -9.66
CA LYS B 84 -23.70 -21.00 -9.64
C LYS B 84 -22.69 -21.57 -10.62
N SER B 85 -22.62 -20.97 -11.81
CA SER B 85 -21.69 -21.46 -12.83
C SER B 85 -20.24 -21.23 -12.39
N ARG B 86 -19.94 -20.08 -11.81
CA ARG B 86 -18.57 -19.83 -11.37
C ARG B 86 -18.19 -20.81 -10.27
N ILE B 87 -19.11 -21.08 -9.35
CA ILE B 87 -18.84 -22.03 -8.27
C ILE B 87 -18.66 -23.43 -8.83
N SER B 88 -19.48 -23.80 -9.82
CA SER B 88 -19.33 -25.09 -10.46
C SER B 88 -17.95 -25.23 -11.10
N GLN B 89 -17.48 -24.17 -11.77
CA GLN B 89 -16.15 -24.23 -12.38
C GLN B 89 -15.07 -24.36 -11.32
N LEU B 90 -15.28 -23.75 -10.14
CA LEU B 90 -14.32 -23.92 -9.06
C LEU B 90 -14.36 -25.34 -8.51
N LEU B 91 -15.56 -25.92 -8.38
CA LEU B 91 -15.62 -27.31 -7.94
C LEU B 91 -14.86 -28.23 -8.89
N ASP B 92 -14.81 -27.88 -10.18
CA ASP B 92 -14.09 -28.71 -11.15
C ASP B 92 -12.59 -28.79 -10.87
N ILE B 93 -12.03 -27.88 -10.07
CA ILE B 93 -10.63 -27.91 -9.72
C ILE B 93 -10.43 -28.07 -8.20
N HIS B 94 -11.47 -28.51 -7.49
CA HIS B 94 -11.45 -28.57 -6.03
C HIS B 94 -11.76 -29.99 -5.57
N GLU B 95 -10.84 -30.58 -4.81
CA GLU B 95 -11.05 -31.90 -4.19
C GLU B 95 -12.05 -31.70 -3.06
N PHE B 96 -13.31 -31.99 -3.34
CA PHE B 96 -14.42 -31.65 -2.44
C PHE B 96 -14.64 -32.83 -1.51
N LYS B 97 -13.79 -32.90 -0.46
CA LYS B 97 -13.76 -34.00 0.51
C LYS B 97 -13.61 -33.39 1.92
N CYS B 98 -14.71 -32.86 2.44
CA CYS B 98 -14.64 -32.05 3.65
C CYS B 98 -14.44 -32.87 4.92
N GLY B 99 -14.77 -34.15 4.92
CA GLY B 99 -14.69 -34.96 6.12
C GLY B 99 -13.39 -34.81 6.89
N PRO B 100 -12.27 -35.14 6.26
CA PRO B 100 -10.95 -34.98 6.91
C PRO B 100 -10.30 -33.63 6.73
N CYS B 101 -11.01 -32.64 6.17
CA CYS B 101 -10.39 -31.38 5.82
C CYS B 101 -10.26 -30.47 7.03
N ASN B 102 -9.13 -29.76 7.12
CA ASN B 102 -8.89 -28.94 8.31
C ASN B 102 -9.64 -27.60 8.30
N ARG B 103 -10.44 -27.31 7.27
CA ARG B 103 -11.31 -26.14 7.27
C ARG B 103 -12.78 -26.54 7.34
N ARG B 104 -13.04 -27.81 7.60
CA ARG B 104 -14.40 -28.36 7.53
C ARG B 104 -15.39 -27.52 8.32
N GLU B 105 -14.98 -26.99 9.46
CA GLU B 105 -15.92 -26.27 10.33
C GLU B 105 -16.04 -24.78 10.04
N ASN B 106 -15.22 -24.21 9.14
CA ASN B 106 -15.32 -22.77 8.90
C ASN B 106 -14.84 -22.39 7.50
N CYS B 107 -15.25 -23.17 6.50
CA CYS B 107 -14.81 -22.96 5.14
C CYS B 107 -15.71 -22.01 4.37
N GLU B 108 -15.12 -20.96 3.78
CA GLU B 108 -15.97 -20.05 3.01
C GLU B 108 -16.49 -20.71 1.74
N PHE B 109 -15.70 -21.59 1.14
CA PHE B 109 -16.13 -22.19 -0.13
C PHE B 109 -17.28 -23.15 0.12
N LEU B 110 -17.18 -23.99 1.15
CA LEU B 110 -18.28 -24.92 1.43
C LEU B 110 -19.58 -24.16 1.63
N LYS B 111 -19.53 -23.02 2.34
CA LYS B 111 -20.76 -22.26 2.59
C LYS B 111 -21.37 -21.77 1.28
N LEU B 112 -20.52 -21.36 0.33
CA LEU B 112 -21.01 -20.90 -0.96
C LEU B 112 -21.62 -22.05 -1.77
N VAL B 113 -20.96 -23.19 -1.78
CA VAL B 113 -21.45 -24.36 -2.50
C VAL B 113 -22.83 -24.73 -1.98
N ILE B 114 -23.01 -24.72 -0.66
CA ILE B 114 -24.31 -25.03 -0.08
C ILE B 114 -25.32 -23.94 -0.44
N LYS B 115 -24.93 -22.67 -0.31
CA LYS B 115 -25.85 -21.58 -0.55
C LYS B 115 -26.43 -21.62 -1.96
N TYR B 116 -25.60 -21.97 -2.95
CA TYR B 116 -26.01 -21.98 -4.34
C TYR B 116 -26.28 -23.37 -4.88
N LYS B 117 -26.17 -24.40 -4.04
CA LYS B 117 -26.39 -25.78 -4.46
C LYS B 117 -25.60 -26.10 -5.72
N ALA B 118 -24.34 -25.65 -5.75
CA ALA B 118 -23.52 -25.84 -6.93
C ALA B 118 -22.98 -27.26 -6.98
N ARG B 119 -22.74 -27.74 -8.20
CA ARG B 119 -22.20 -29.06 -8.46
C ARG B 119 -21.15 -28.96 -9.55
N ALA B 120 -20.12 -29.79 -9.44
CA ALA B 120 -19.08 -29.85 -10.46
C ALA B 120 -19.63 -30.42 -11.77
N SER B 121 -19.05 -29.98 -12.88
CA SER B 121 -19.29 -30.70 -14.14
C SER B 121 -18.60 -32.05 -14.11
N LYS B 122 -17.38 -32.10 -13.60
CA LYS B 122 -16.65 -33.34 -13.40
C LYS B 122 -15.97 -33.28 -12.04
N PRO B 123 -16.31 -34.14 -11.10
CA PRO B 123 -15.64 -34.10 -9.79
C PRO B 123 -14.14 -34.23 -9.93
N PHE B 124 -13.42 -33.39 -9.21
CA PHE B 124 -11.96 -33.43 -9.17
C PHE B 124 -11.53 -34.40 -8.08
N LEU B 125 -10.97 -35.54 -8.49
CA LEU B 125 -10.57 -36.60 -7.57
C LEU B 125 -9.17 -37.10 -7.90
N PRO B 126 -8.15 -36.28 -7.66
CA PRO B 126 -6.78 -36.75 -7.86
C PRO B 126 -6.52 -38.02 -7.05
N LYS B 127 -5.90 -39.00 -7.70
CA LYS B 127 -5.54 -40.24 -7.01
C LYS B 127 -4.20 -40.15 -6.31
N ASP B 128 -3.33 -39.25 -6.77
CA ASP B 128 -2.00 -39.04 -6.19
C ASP B 128 -1.83 -37.53 -5.94
N LYS B 129 -1.98 -37.11 -4.70
CA LYS B 129 -1.92 -35.70 -4.33
C LYS B 129 -0.49 -35.20 -4.14
N THR B 130 0.50 -36.07 -4.26
CA THR B 130 1.87 -35.68 -3.94
C THR B 130 2.30 -34.44 -4.70
N GLU B 131 2.02 -34.40 -6.02
CA GLU B 131 2.48 -33.27 -6.83
C GLU B 131 1.76 -31.97 -6.50
N TYR B 132 0.62 -32.04 -5.78
CA TYR B 132 -0.13 -30.85 -5.44
C TYR B 132 0.23 -30.29 -4.06
N VAL B 133 1.03 -31.01 -3.28
CA VAL B 133 1.27 -30.68 -1.88
C VAL B 133 2.73 -30.29 -1.69
N ASP B 134 2.96 -29.22 -0.94
CA ASP B 134 4.30 -28.75 -0.62
C ASP B 134 4.38 -28.65 0.91
N GLU B 135 5.07 -29.62 1.53
CA GLU B 135 5.26 -29.62 2.97
C GLU B 135 6.71 -29.36 3.35
N ARG B 136 7.50 -28.77 2.45
CA ARG B 136 8.93 -28.59 2.71
C ARG B 136 9.21 -27.59 3.81
N SER B 137 8.34 -26.61 4.00
CA SER B 137 8.61 -25.51 4.92
C SER B 137 8.46 -25.95 6.37
N LYS B 138 9.21 -25.30 7.24
CA LYS B 138 9.07 -25.49 8.68
C LYS B 138 7.79 -24.85 9.23
N SER B 139 7.13 -23.99 8.45
CA SER B 139 6.04 -23.17 8.95
C SER B 139 4.76 -23.25 8.14
N LEU B 140 4.86 -23.32 6.80
CA LEU B 140 3.69 -23.28 5.95
C LEU B 140 3.57 -24.53 5.10
N THR B 141 2.34 -24.90 4.75
CA THR B 141 2.10 -25.97 3.81
C THR B 141 1.07 -25.52 2.79
N VAL B 142 1.18 -26.07 1.59
CA VAL B 142 0.28 -25.79 0.49
C VAL B 142 -0.35 -27.10 0.04
N ASP B 143 -1.67 -27.08 -0.16
CA ASP B 143 -2.43 -28.16 -0.77
C ASP B 143 -3.20 -27.61 -1.96
N ARG B 144 -2.63 -27.69 -3.15
CA ARG B 144 -3.25 -27.05 -4.30
C ARG B 144 -4.48 -27.78 -4.82
N THR B 145 -4.79 -28.97 -4.31
CA THR B 145 -6.09 -29.55 -4.66
C THR B 145 -7.24 -28.75 -4.06
N LYS B 146 -6.96 -27.83 -3.13
CA LYS B 146 -8.00 -26.99 -2.54
C LYS B 146 -7.98 -25.57 -3.07
N CYS B 147 -6.96 -25.18 -3.82
CA CYS B 147 -6.75 -23.78 -4.16
C CYS B 147 -7.72 -23.31 -5.25
N LEU B 148 -8.43 -22.22 -4.97
CA LEU B 148 -9.39 -21.62 -5.88
C LEU B 148 -8.79 -20.56 -6.79
N LEU B 149 -7.49 -20.27 -6.64
CA LEU B 149 -6.81 -19.23 -7.40
C LEU B 149 -7.53 -17.89 -7.27
N CYS B 150 -8.03 -17.63 -6.06
CA CYS B 150 -8.73 -16.40 -5.73
C CYS B 150 -7.80 -15.22 -5.48
N GLY B 151 -6.50 -15.48 -5.30
CA GLY B 151 -5.54 -14.41 -5.13
C GLY B 151 -5.54 -13.73 -3.79
N ARG B 152 -6.32 -14.21 -2.81
CA ARG B 152 -6.41 -13.50 -1.53
C ARG B 152 -5.07 -13.55 -0.80
N CYS B 153 -4.34 -14.67 -0.90
CA CYS B 153 -3.02 -14.82 -0.27
C CYS B 153 -2.01 -13.88 -0.92
N VAL B 154 -2.02 -13.79 -2.25
CA VAL B 154 -1.07 -12.92 -2.96
C VAL B 154 -1.32 -11.48 -2.57
N ASN B 155 -2.59 -11.07 -2.59
CA ASN B 155 -2.95 -9.71 -2.19
C ASN B 155 -2.62 -9.46 -0.72
N ALA B 156 -2.89 -10.44 0.13
CA ALA B 156 -2.64 -10.23 1.56
C ALA B 156 -1.14 -10.13 1.85
N CYS B 157 -0.33 -10.95 1.19
CA CYS B 157 1.10 -10.85 1.40
C CYS B 157 1.60 -9.49 0.96
N GLY B 158 1.15 -9.01 -0.19
CA GLY B 158 1.58 -7.70 -0.66
C GLY B 158 1.19 -6.59 0.30
N LYS B 159 -0.04 -6.64 0.82
CA LYS B 159 -0.47 -5.54 1.68
C LYS B 159 0.12 -5.63 3.08
N ASN B 160 0.20 -6.84 3.63
CA ASN B 160 0.64 -7.01 5.00
C ASN B 160 2.15 -6.91 5.13
N THR B 161 2.88 -7.41 4.14
CA THR B 161 4.34 -7.46 4.27
C THR B 161 5.09 -6.69 3.21
N GLU B 162 4.48 -6.44 2.05
CA GLU B 162 5.12 -5.88 0.86
C GLU B 162 6.34 -6.68 0.40
N THR B 163 6.49 -7.94 0.84
CA THR B 163 7.53 -8.77 0.25
C THR B 163 7.09 -9.34 -1.10
N TYR B 164 5.78 -9.53 -1.28
CA TYR B 164 5.23 -10.24 -2.43
C TYR B 164 5.85 -11.63 -2.56
N ALA B 165 6.20 -12.23 -1.42
CA ALA B 165 6.78 -13.57 -1.46
C ALA B 165 5.81 -14.60 -2.01
N MET B 166 4.50 -14.39 -1.86
CA MET B 166 3.50 -15.26 -2.47
C MET B 166 3.16 -14.75 -3.86
N LYS B 167 3.32 -15.59 -4.87
CA LYS B 167 3.16 -15.16 -6.25
C LYS B 167 2.25 -16.11 -7.01
N PHE B 168 1.70 -15.61 -8.11
CA PHE B 168 1.16 -16.47 -9.14
C PHE B 168 2.32 -17.00 -9.95
N LEU B 169 2.28 -18.29 -10.26
CA LEU B 169 3.31 -18.95 -11.03
C LEU B 169 2.66 -19.73 -12.16
N ASN B 170 3.40 -19.89 -13.27
CA ASN B 170 2.99 -20.78 -14.34
C ASN B 170 3.84 -22.04 -14.21
N LYS B 171 3.22 -23.14 -13.82
CA LYS B 171 3.88 -24.43 -13.66
C LYS B 171 3.27 -25.36 -14.69
N ASN B 172 4.08 -25.75 -15.69
CA ASN B 172 3.63 -26.71 -16.70
C ASN B 172 2.40 -26.18 -17.43
N GLY B 173 2.39 -24.88 -17.71
CA GLY B 173 1.27 -24.29 -18.40
C GLY B 173 -0.02 -24.24 -17.61
N LYS B 174 0.04 -24.42 -16.29
CA LYS B 174 -1.12 -24.22 -15.42
C LYS B 174 -0.75 -23.23 -14.31
N THR B 175 -1.74 -22.47 -13.86
CA THR B 175 -1.49 -21.43 -12.88
C THR B 175 -1.57 -22.01 -11.47
N ILE B 176 -0.59 -21.64 -10.64
CA ILE B 176 -0.55 -22.01 -9.24
C ILE B 176 -0.12 -20.78 -8.46
N ILE B 177 -0.30 -20.84 -7.14
CA ILE B 177 0.40 -19.92 -6.26
C ILE B 177 1.55 -20.66 -5.58
N GLY B 178 2.53 -19.88 -5.15
CA GLY B 178 3.70 -20.42 -4.48
C GLY B 178 4.74 -19.34 -4.35
N ALA B 179 5.88 -19.74 -3.80
CA ALA B 179 6.99 -18.81 -3.64
C ALA B 179 7.75 -18.68 -4.95
N GLU B 180 8.70 -17.74 -4.96
CA GLU B 180 9.49 -17.50 -6.16
C GLU B 180 10.08 -18.79 -6.71
N ASP B 181 9.87 -19.01 -8.01
CA ASP B 181 10.42 -20.15 -8.73
C ASP B 181 10.04 -21.48 -8.11
N GLU B 182 8.94 -21.50 -7.35
CA GLU B 182 8.46 -22.70 -6.67
C GLU B 182 9.47 -23.22 -5.64
N LYS B 183 10.30 -22.33 -5.11
CA LYS B 183 11.22 -22.69 -4.04
C LYS B 183 10.43 -22.93 -2.77
N CYS B 184 11.08 -23.59 -1.81
CA CYS B 184 10.52 -23.64 -0.45
C CYS B 184 10.40 -22.21 0.08
N PHE B 185 9.27 -21.90 0.71
CA PHE B 185 9.11 -20.55 1.24
C PHE B 185 10.26 -20.15 2.16
N ASP B 186 10.75 -21.09 2.98
CA ASP B 186 11.81 -20.74 3.93
C ASP B 186 13.06 -20.23 3.23
N ASP B 187 13.27 -20.64 1.98
CA ASP B 187 14.47 -20.31 1.22
C ASP B 187 14.30 -19.06 0.37
N THR B 188 13.23 -18.31 0.58
CA THR B 188 12.97 -17.07 -0.12
C THR B 188 12.94 -15.92 0.90
N ASN B 189 12.54 -14.73 0.43
CA ASN B 189 12.44 -13.60 1.34
C ASN B 189 11.17 -13.64 2.17
N CYS B 190 10.34 -14.66 1.98
CA CYS B 190 9.16 -14.88 2.82
C CYS B 190 9.48 -14.76 4.30
N LEU B 191 8.57 -14.12 5.05
CA LEU B 191 8.73 -13.98 6.49
C LEU B 191 8.16 -15.16 7.28
N LEU B 192 7.42 -16.05 6.63
CA LEU B 192 6.76 -17.20 7.25
C LEU B 192 5.71 -16.79 8.27
N CYS B 193 5.20 -15.56 8.12
CA CYS B 193 4.24 -14.96 9.03
C CYS B 193 2.84 -15.55 8.93
N GLY B 194 2.51 -16.22 7.84
CA GLY B 194 1.23 -16.86 7.70
C GLY B 194 0.06 -15.95 7.47
N GLN B 195 0.29 -14.68 7.14
CA GLN B 195 -0.85 -13.81 6.82
C GLN B 195 -1.59 -14.32 5.60
N CYS B 196 -0.88 -15.01 4.70
CA CYS B 196 -1.54 -15.66 3.57
C CYS B 196 -2.51 -16.75 4.04
N ILE B 197 -2.12 -17.54 5.05
CA ILE B 197 -3.03 -18.55 5.60
C ILE B 197 -4.30 -17.90 6.09
N ILE B 198 -4.15 -16.81 6.85
CA ILE B 198 -5.30 -16.14 7.45
C ILE B 198 -6.23 -15.63 6.37
N ALA B 199 -5.69 -15.29 5.20
CA ALA B 199 -6.48 -14.76 4.11
C ALA B 199 -7.15 -15.84 3.28
N CYS B 200 -6.73 -17.08 3.43
CA CYS B 200 -7.21 -18.14 2.55
C CYS B 200 -8.62 -18.56 2.93
N PRO B 201 -9.54 -18.63 1.97
CA PRO B 201 -10.92 -19.03 2.28
C PRO B 201 -11.10 -20.52 2.44
N VAL B 202 -10.07 -21.32 2.12
CA VAL B 202 -10.18 -22.78 2.09
C VAL B 202 -8.95 -23.39 2.75
N ALA B 203 -8.80 -24.72 2.63
CA ALA B 203 -7.69 -25.43 3.27
C ALA B 203 -6.47 -25.52 2.37
N ALA B 204 -6.28 -24.58 1.46
CA ALA B 204 -5.13 -24.67 0.56
C ALA B 204 -3.83 -24.26 1.24
N LEU B 205 -3.87 -23.28 2.13
CA LEU B 205 -2.71 -22.90 2.91
C LEU B 205 -2.96 -23.26 4.36
N SER B 206 -1.97 -23.89 4.98
CA SER B 206 -2.10 -24.29 6.38
C SER B 206 -0.74 -24.16 7.06
N GLU B 207 -0.76 -24.32 8.39
CA GLU B 207 0.48 -24.40 9.14
C GLU B 207 1.10 -25.78 9.00
N LYS B 208 2.42 -25.84 9.11
CA LYS B 208 3.14 -27.10 9.18
C LYS B 208 2.81 -27.75 10.52
N SER B 209 2.20 -28.93 10.50
CA SER B 209 1.70 -29.53 11.73
C SER B 209 2.83 -30.03 12.64
N HIS B 210 2.70 -29.74 13.93
CA HIS B 210 3.55 -30.37 14.94
C HIS B 210 2.73 -31.31 15.83
N MET B 211 1.50 -31.60 15.43
CA MET B 211 0.61 -32.38 16.30
C MET B 211 1.17 -33.77 16.57
N ASP B 212 1.84 -34.39 15.58
CA ASP B 212 2.41 -35.72 15.82
C ASP B 212 3.60 -35.67 16.78
N ARG B 213 4.42 -34.62 16.68
CA ARG B 213 5.52 -34.45 17.63
C ARG B 213 4.98 -34.45 19.05
N VAL B 214 3.89 -33.71 19.26
CA VAL B 214 3.31 -33.57 20.59
C VAL B 214 2.70 -34.88 21.06
N LYS B 215 1.86 -35.50 20.23
CA LYS B 215 1.21 -36.75 20.63
C LYS B 215 2.24 -37.83 20.93
N ASN B 216 3.29 -37.92 20.12
CA ASN B 216 4.31 -38.93 20.34
C ASN B 216 5.05 -38.69 21.65
N ALA B 217 5.34 -37.43 21.97
CA ALA B 217 5.99 -37.12 23.25
C ALA B 217 5.06 -37.43 24.42
N LEU B 218 3.78 -37.04 24.33
CA LEU B 218 2.83 -37.34 25.39
C LEU B 218 2.74 -38.83 25.66
N ASN B 219 2.78 -39.64 24.60
CA ASN B 219 2.63 -41.08 24.74
C ASN B 219 3.92 -41.78 25.12
N ALA B 220 5.05 -41.12 24.99
CA ALA B 220 6.33 -41.75 25.34
C ALA B 220 6.45 -41.82 26.86
N PRO B 221 6.67 -43.00 27.44
CA PRO B 221 6.61 -43.10 28.90
C PRO B 221 7.64 -42.25 29.62
N GLU B 222 8.85 -42.16 29.07
CA GLU B 222 9.95 -41.47 29.74
C GLU B 222 9.95 -39.97 29.51
N LYS B 223 9.18 -39.45 28.55
CA LYS B 223 9.18 -38.02 28.29
C LYS B 223 8.28 -37.28 29.27
N HIS B 224 8.78 -36.16 29.79
CA HIS B 224 8.04 -35.27 30.67
C HIS B 224 7.71 -34.04 29.83
N VAL B 225 6.45 -33.87 29.46
CA VAL B 225 6.07 -32.89 28.45
C VAL B 225 5.57 -31.64 29.14
N ILE B 226 6.33 -30.56 28.99
CA ILE B 226 5.96 -29.23 29.46
C ILE B 226 5.19 -28.54 28.35
N VAL B 227 4.15 -27.80 28.70
CA VAL B 227 3.46 -26.97 27.71
C VAL B 227 3.36 -25.56 28.26
N ALA B 228 3.48 -24.58 27.36
CA ALA B 228 3.34 -23.20 27.74
C ALA B 228 2.70 -22.45 26.57
N MET B 229 1.73 -21.59 26.87
CA MET B 229 0.99 -20.89 25.83
C MET B 229 1.40 -19.42 25.74
N ALA B 230 1.34 -18.90 24.51
CA ALA B 230 1.64 -17.51 24.23
C ALA B 230 0.61 -16.57 24.84
N PRO B 231 0.98 -15.30 25.04
CA PRO B 231 -0.01 -14.32 25.51
C PRO B 231 -1.33 -14.36 24.75
N SER B 232 -1.28 -14.39 23.41
CA SER B 232 -2.49 -14.20 22.61
C SER B 232 -3.44 -15.38 22.66
N VAL B 233 -2.96 -16.58 23.01
CA VAL B 233 -3.81 -17.76 22.89
C VAL B 233 -5.04 -17.64 23.80
N ARG B 234 -4.85 -17.11 25.01
CA ARG B 234 -5.96 -17.04 25.97
C ARG B 234 -7.00 -16.02 25.58
N ALA B 235 -6.71 -15.19 24.58
CA ALA B 235 -7.61 -14.16 24.10
C ALA B 235 -8.30 -14.53 22.81
N SER B 236 -8.04 -15.71 22.27
CA SER B 236 -8.51 -16.04 20.93
C SER B 236 -9.08 -17.44 20.78
N ILE B 237 -8.61 -18.44 21.50
CA ILE B 237 -8.97 -19.82 21.19
C ILE B 237 -10.44 -20.09 21.48
N GLY B 238 -11.07 -19.31 22.37
CA GLY B 238 -12.49 -19.50 22.63
C GLY B 238 -13.34 -19.29 21.39
N GLU B 239 -12.86 -18.50 20.44
CA GLU B 239 -13.53 -18.31 19.15
C GLU B 239 -13.83 -19.65 18.47
N LEU B 240 -12.95 -20.63 18.64
CA LEU B 240 -13.10 -21.92 17.98
C LEU B 240 -14.00 -22.88 18.76
N PHE B 241 -14.51 -22.46 19.91
CA PHE B 241 -15.41 -23.27 20.73
C PHE B 241 -16.75 -22.57 20.92
N ASN B 242 -17.09 -21.70 19.97
CA ASN B 242 -18.39 -21.03 19.91
C ASN B 242 -18.64 -20.14 21.12
N MET B 243 -17.59 -19.64 21.77
CA MET B 243 -17.80 -18.72 22.89
C MET B 243 -17.76 -17.26 22.50
N GLY B 244 -17.55 -16.94 21.23
CA GLY B 244 -17.53 -15.57 20.80
C GLY B 244 -16.14 -14.97 20.81
N PHE B 245 -16.11 -13.65 20.68
CA PHE B 245 -14.88 -12.88 20.55
C PHE B 245 -14.56 -12.13 21.83
N GLY B 246 -13.26 -12.00 22.12
CA GLY B 246 -12.83 -11.22 23.27
C GLY B 246 -13.04 -11.89 24.60
N VAL B 247 -13.16 -13.22 24.65
CA VAL B 247 -13.34 -13.95 25.89
C VAL B 247 -11.99 -14.42 26.41
N ASP B 248 -11.72 -14.09 27.67
CA ASP B 248 -10.53 -14.57 28.36
C ASP B 248 -10.79 -16.00 28.83
N VAL B 249 -10.08 -16.97 28.25
CA VAL B 249 -10.26 -18.37 28.61
C VAL B 249 -9.02 -18.98 29.23
N THR B 250 -8.16 -18.16 29.85
CA THR B 250 -6.92 -18.65 30.42
C THR B 250 -7.14 -19.90 31.28
N GLY B 251 -8.03 -19.80 32.26
CA GLY B 251 -8.18 -20.88 33.22
C GLY B 251 -8.70 -22.16 32.59
N LYS B 252 -9.58 -22.04 31.59
CA LYS B 252 -10.07 -23.21 30.87
C LYS B 252 -8.95 -23.89 30.08
N ILE B 253 -8.04 -23.10 29.52
CA ILE B 253 -6.91 -23.69 28.80
C ILE B 253 -6.07 -24.53 29.74
N TYR B 254 -5.74 -23.99 30.91
CA TYR B 254 -4.93 -24.74 31.86
C TYR B 254 -5.58 -26.09 32.16
N THR B 255 -6.88 -26.08 32.41
CA THR B 255 -7.59 -27.34 32.67
C THR B 255 -7.53 -28.27 31.46
N ALA B 256 -7.78 -27.74 30.26
CA ALA B 256 -7.75 -28.57 29.07
C ALA B 256 -6.38 -29.19 28.84
N LEU B 257 -5.31 -28.43 29.11
CA LEU B 257 -3.98 -28.97 28.88
C LEU B 257 -3.68 -30.12 29.82
N ARG B 258 -4.12 -30.02 31.08
CA ARG B 258 -3.96 -31.14 31.99
C ARG B 258 -4.76 -32.34 31.51
N GLN B 259 -5.96 -32.11 30.99
CA GLN B 259 -6.78 -33.21 30.50
C GLN B 259 -6.18 -33.85 29.25
N LEU B 260 -5.39 -33.09 28.48
CA LEU B 260 -4.69 -33.66 27.33
C LEU B 260 -3.52 -34.55 27.74
N GLY B 261 -3.06 -34.46 28.99
CA GLY B 261 -2.01 -35.31 29.48
C GLY B 261 -0.66 -34.65 29.65
N PHE B 262 -0.57 -33.34 29.47
CA PHE B 262 0.69 -32.64 29.69
C PHE B 262 1.11 -32.77 31.15
N ASP B 263 2.41 -32.87 31.35
CA ASP B 263 2.96 -33.19 32.66
C ASP B 263 3.26 -31.96 33.50
N LYS B 264 3.39 -30.79 32.88
CA LYS B 264 3.59 -29.55 33.59
C LYS B 264 2.97 -28.43 32.77
N ILE B 265 2.24 -27.53 33.42
CA ILE B 265 1.50 -26.45 32.78
C ILE B 265 2.21 -25.15 33.15
N PHE B 266 2.98 -24.59 32.22
CA PHE B 266 3.65 -23.32 32.44
C PHE B 266 3.00 -22.29 31.51
N ASP B 267 3.70 -21.18 31.26
CA ASP B 267 3.10 -20.09 30.49
C ASP B 267 4.21 -19.28 29.83
N ILE B 268 4.07 -19.00 28.53
CA ILE B 268 5.10 -18.22 27.84
C ILE B 268 5.15 -16.81 28.40
N ASN B 269 4.09 -16.34 29.08
CA ASN B 269 4.15 -15.01 29.66
C ASN B 269 5.24 -14.92 30.73
N PHE B 270 5.58 -16.05 31.36
CA PHE B 270 6.74 -16.12 32.24
C PHE B 270 8.02 -15.88 31.43
N GLY B 271 8.14 -16.53 30.27
CA GLY B 271 9.23 -16.21 29.38
C GLY B 271 9.24 -14.76 28.92
N ALA B 272 8.05 -14.16 28.74
CA ALA B 272 8.02 -12.75 28.37
C ALA B 272 8.64 -11.89 29.47
N ASP B 273 8.33 -12.20 30.73
CA ASP B 273 8.96 -11.49 31.84
C ASP B 273 10.48 -11.71 31.83
N MET B 274 10.96 -12.92 31.48
CA MET B 274 12.40 -13.09 31.40
C MET B 274 13.02 -12.29 30.26
N THR B 275 12.38 -12.28 29.10
CA THR B 275 12.88 -11.47 27.98
C THR B 275 13.00 -10.02 28.41
N ILE B 276 12.01 -9.50 29.15
CA ILE B 276 12.09 -8.13 29.62
C ILE B 276 13.25 -7.97 30.60
N MET B 277 13.45 -8.92 31.50
CA MET B 277 14.58 -8.81 32.44
C MET B 277 15.87 -8.62 31.67
N GLU B 278 16.07 -9.41 30.62
CA GLU B 278 17.30 -9.32 29.85
C GLU B 278 17.31 -8.08 28.95
N GLU B 279 16.20 -7.78 28.30
CA GLU B 279 16.20 -6.72 27.28
C GLU B 279 16.17 -5.34 27.92
N ALA B 280 15.41 -5.17 29.00
CA ALA B 280 15.45 -3.92 29.74
C ALA B 280 16.85 -3.67 30.30
N THR B 281 17.51 -4.74 30.79
CA THR B 281 18.90 -4.60 31.23
C THR B 281 19.80 -4.19 30.09
N GLU B 282 19.61 -4.79 28.92
CA GLU B 282 20.46 -4.45 27.77
C GLU B 282 20.24 -3.02 27.32
N LEU B 283 18.99 -2.53 27.36
CA LEU B 283 18.72 -1.15 26.98
C LEU B 283 19.47 -0.19 27.90
N VAL B 284 19.45 -0.45 29.21
CA VAL B 284 20.18 0.39 30.15
C VAL B 284 21.69 0.30 29.89
N GLN B 285 22.18 -0.90 29.58
CA GLN B 285 23.59 -1.02 29.21
C GLN B 285 23.91 -0.19 27.97
N ARG B 286 23.05 -0.24 26.95
CA ARG B 286 23.34 0.52 25.73
C ARG B 286 23.31 2.01 26.00
N ILE B 287 22.41 2.44 26.87
CA ILE B 287 22.39 3.85 27.26
C ILE B 287 23.73 4.23 27.88
N GLU B 288 24.24 3.38 28.78
CA GLU B 288 25.53 3.66 29.41
C GLU B 288 26.67 3.65 28.39
N ASN B 289 26.56 2.83 27.35
CA ASN B 289 27.60 2.65 26.34
C ASN B 289 27.42 3.54 25.12
N ASN B 290 26.42 4.43 25.12
CA ASN B 290 26.06 5.26 23.97
C ASN B 290 25.82 4.40 22.73
N GLY B 291 25.21 3.25 22.93
CA GLY B 291 24.79 2.43 21.81
C GLY B 291 25.23 0.99 21.93
N PRO B 292 25.14 0.24 20.81
CA PRO B 292 24.67 0.75 19.51
C PRO B 292 23.17 1.07 19.46
N PHE B 293 22.84 2.21 18.85
CA PHE B 293 21.46 2.63 18.71
C PHE B 293 21.07 2.65 17.24
N PRO B 294 19.79 2.39 16.93
CA PRO B 294 18.77 1.96 17.89
C PRO B 294 18.93 0.51 18.26
N MET B 295 18.42 0.14 19.43
CA MET B 295 18.23 -1.28 19.73
C MET B 295 16.86 -1.69 19.20
N PHE B 296 16.80 -2.82 18.50
CA PHE B 296 15.54 -3.39 18.03
C PHE B 296 15.17 -4.60 18.86
N THR B 297 13.88 -4.79 19.11
CA THR B 297 13.43 -6.04 19.68
C THR B 297 13.80 -7.18 18.73
N SER B 298 13.89 -8.38 19.32
CA SER B 298 14.29 -9.58 18.57
C SER B 298 13.31 -10.72 18.82
N CYS B 299 12.16 -10.44 19.40
CA CYS B 299 11.25 -11.50 19.82
C CYS B 299 10.32 -11.99 18.71
N CYS B 300 10.13 -11.18 17.67
CA CYS B 300 9.27 -11.58 16.55
C CYS B 300 10.15 -12.21 15.47
N PRO B 301 10.06 -13.53 15.23
CA PRO B 301 10.93 -14.16 14.21
C PRO B 301 10.57 -13.78 12.78
N GLY B 302 9.35 -13.30 12.53
CA GLY B 302 9.03 -12.73 11.22
C GLY B 302 9.85 -11.50 10.93
N TRP B 303 9.96 -10.61 11.94
CA TRP B 303 10.84 -9.45 11.82
C TRP B 303 12.31 -9.86 11.72
N VAL B 304 12.73 -10.85 12.50
CA VAL B 304 14.12 -11.30 12.37
C VAL B 304 14.39 -11.76 10.95
N ARG B 305 13.49 -12.55 10.36
CA ARG B 305 13.67 -12.91 8.96
C ARG B 305 13.67 -11.69 8.06
N GLN B 306 12.83 -10.70 8.36
CA GLN B 306 12.81 -9.50 7.52
C GLN B 306 14.14 -8.80 7.57
N ALA B 307 14.71 -8.68 8.77
CA ALA B 307 16.00 -8.04 8.92
C ALA B 307 17.09 -8.84 8.22
N GLU B 308 17.10 -10.15 8.42
CA GLU B 308 18.07 -11.01 7.74
C GLU B 308 18.00 -10.83 6.22
N ASN B 309 16.79 -10.79 5.68
CA ASN B 309 16.58 -10.84 4.23
C ASN B 309 16.75 -9.46 3.58
N TYR B 310 16.45 -8.40 4.31
CA TYR B 310 16.38 -7.07 3.72
C TYR B 310 17.25 -6.03 4.40
N TYR B 311 17.61 -6.22 5.67
CA TYR B 311 18.37 -5.22 6.43
C TYR B 311 19.42 -5.91 7.29
N PRO B 312 20.28 -6.74 6.70
CA PRO B 312 21.24 -7.49 7.52
C PRO B 312 22.17 -6.60 8.33
N GLU B 313 22.40 -5.37 7.86
CA GLU B 313 23.18 -4.40 8.63
C GLU B 313 22.55 -4.06 9.97
N LEU B 314 21.28 -4.37 10.20
CA LEU B 314 20.64 -4.08 11.48
C LEU B 314 20.76 -5.23 12.48
N LEU B 315 21.26 -6.39 12.05
CA LEU B 315 21.24 -7.55 12.93
C LEU B 315 22.05 -7.32 14.19
N ASN B 316 23.18 -6.60 14.09
CA ASN B 316 23.95 -6.32 15.30
C ASN B 316 23.20 -5.41 16.25
N ASN B 317 22.21 -4.68 15.76
CA ASN B 317 21.44 -3.78 16.61
C ASN B 317 20.31 -4.48 17.35
N LEU B 318 19.94 -5.69 16.96
CA LEU B 318 18.89 -6.42 17.66
C LEU B 318 19.34 -6.69 19.10
N SER B 319 18.36 -6.69 20.00
CA SER B 319 18.60 -7.22 21.33
C SER B 319 19.11 -8.66 21.25
N SER B 320 20.08 -9.00 22.10
CA SER B 320 20.52 -10.38 22.11
C SER B 320 19.64 -11.25 23.01
N ALA B 321 18.68 -10.68 23.73
CA ALA B 321 17.78 -11.53 24.49
C ALA B 321 17.06 -12.50 23.57
N LYS B 322 16.95 -13.75 23.99
CA LYS B 322 16.09 -14.69 23.27
C LYS B 322 14.64 -14.22 23.36
N SER B 323 13.84 -14.66 22.39
CA SER B 323 12.40 -14.42 22.43
C SER B 323 11.79 -15.15 23.62
N PRO B 324 10.61 -14.70 24.08
CA PRO B 324 9.94 -15.40 25.20
C PRO B 324 9.88 -16.91 25.02
N GLN B 325 9.56 -17.36 23.80
CA GLN B 325 9.51 -18.79 23.54
C GLN B 325 10.86 -19.47 23.74
N GLN B 326 11.91 -18.94 23.11
CA GLN B 326 13.21 -19.61 23.16
C GLN B 326 13.89 -19.42 24.50
N ILE B 327 13.68 -18.29 25.16
CA ILE B 327 14.26 -18.05 26.48
C ILE B 327 13.58 -18.96 27.51
N PHE B 328 12.27 -19.12 27.40
CA PHE B 328 11.56 -20.08 28.24
C PHE B 328 12.10 -21.48 28.00
N GLY B 329 12.23 -21.86 26.73
CA GLY B 329 12.67 -23.21 26.41
C GLY B 329 14.05 -23.49 26.96
N THR B 330 14.98 -22.54 26.78
CA THR B 330 16.32 -22.70 27.33
C THR B 330 16.26 -22.96 28.83
N ALA B 331 15.47 -22.15 29.55
CA ALA B 331 15.33 -22.33 30.98
C ALA B 331 14.65 -23.65 31.34
N SER B 332 13.74 -24.13 30.50
CA SER B 332 13.05 -25.38 30.78
C SER B 332 14.00 -26.59 30.73
N LYS B 333 15.16 -26.45 30.10
CA LYS B 333 16.12 -27.54 30.00
C LYS B 333 17.25 -27.41 31.01
N THR B 334 17.31 -26.30 31.74
CA THR B 334 18.43 -26.00 32.64
C THR B 334 17.89 -25.74 34.04
N TYR B 335 17.22 -24.60 34.22
CA TYR B 335 16.64 -24.28 35.51
C TYR B 335 15.62 -25.32 35.95
N TYR B 336 14.70 -25.67 35.06
CA TYR B 336 13.58 -26.49 35.52
C TYR B 336 14.06 -27.84 36.04
N PRO B 337 14.95 -28.57 35.36
CA PRO B 337 15.51 -29.80 35.98
C PRO B 337 16.14 -29.56 37.34
N SER B 338 16.78 -28.41 37.54
CA SER B 338 17.42 -28.12 38.81
C SER B 338 16.42 -27.97 39.96
N ILE B 339 15.14 -27.72 39.69
CA ILE B 339 14.14 -27.58 40.74
C ILE B 339 13.13 -28.72 40.71
N SER B 340 13.33 -29.73 39.87
CA SER B 340 12.33 -30.78 39.71
C SER B 340 12.93 -32.18 39.83
N GLY B 341 14.21 -32.31 39.51
CA GLY B 341 14.85 -33.61 39.46
C GLY B 341 14.75 -34.31 38.13
N LEU B 342 14.11 -33.70 37.14
CA LEU B 342 14.02 -34.35 35.84
C LEU B 342 15.40 -34.47 35.22
N ASP B 343 15.63 -35.57 34.52
CA ASP B 343 16.76 -35.64 33.61
C ASP B 343 16.48 -34.67 32.45
N PRO B 344 17.36 -33.70 32.17
CA PRO B 344 17.03 -32.73 31.09
C PRO B 344 16.73 -33.37 29.75
N LYS B 345 17.37 -34.50 29.44
CA LYS B 345 17.12 -35.19 28.18
C LYS B 345 15.69 -35.66 28.02
N ASN B 346 14.98 -35.88 29.13
CA ASN B 346 13.61 -36.37 29.09
C ASN B 346 12.58 -35.26 29.08
N VAL B 347 13.01 -34.02 29.26
CA VAL B 347 12.09 -32.89 29.19
C VAL B 347 11.81 -32.62 27.72
N PHE B 348 10.53 -32.48 27.38
CA PHE B 348 10.07 -32.18 26.03
C PHE B 348 9.18 -30.96 26.15
N THR B 349 9.57 -29.86 25.51
CA THR B 349 8.94 -28.56 25.74
C THR B 349 8.12 -28.17 24.52
N VAL B 350 6.82 -27.96 24.74
CA VAL B 350 5.85 -27.63 23.71
C VAL B 350 5.33 -26.23 23.98
N THR B 351 5.25 -25.40 22.95
CA THR B 351 4.56 -24.13 23.10
C THR B 351 3.32 -24.12 22.22
N VAL B 352 2.34 -23.32 22.63
CA VAL B 352 1.14 -23.04 21.85
C VAL B 352 1.22 -21.57 21.46
N MET B 353 1.20 -21.30 20.15
N MET B 353 1.22 -21.30 20.16
CA MET B 353 1.49 -19.98 19.64
CA MET B 353 1.47 -19.93 19.71
C MET B 353 0.40 -19.52 18.67
C MET B 353 0.49 -19.50 18.63
N PRO B 354 0.23 -18.20 18.55
CA PRO B 354 -0.66 -17.67 17.51
C PRO B 354 0.03 -17.53 16.16
N CYS B 355 1.17 -18.21 16.01
CA CYS B 355 2.19 -17.82 15.05
C CYS B 355 2.74 -19.02 14.31
N THR B 356 2.81 -18.94 12.98
CA THR B 356 3.49 -19.97 12.20
C THR B 356 5.00 -19.80 12.19
N THR B 357 5.49 -18.57 12.25
CA THR B 357 6.93 -18.33 12.24
C THR B 357 7.62 -18.95 13.47
N LYS B 358 6.90 -19.09 14.58
CA LYS B 358 7.50 -19.68 15.78
C LYS B 358 7.94 -21.13 15.57
N LYS B 359 7.32 -21.84 14.62
CA LYS B 359 7.80 -23.18 14.30
C LYS B 359 9.18 -23.14 13.66
N PHE B 360 9.39 -22.16 12.79
CA PHE B 360 10.71 -21.97 12.18
C PHE B 360 11.72 -21.56 13.24
N GLU B 361 11.36 -20.63 14.12
CA GLU B 361 12.27 -20.21 15.17
C GLU B 361 12.71 -21.38 16.03
N ALA B 362 11.76 -22.20 16.48
CA ALA B 362 12.08 -23.32 17.36
C ALA B 362 12.97 -24.33 16.68
N ASP B 363 12.89 -24.43 15.36
CA ASP B 363 13.66 -25.39 14.59
C ASP B 363 14.97 -24.82 14.05
N ARG B 364 15.33 -23.59 14.47
CA ARG B 364 16.61 -23.01 14.08
C ARG B 364 17.77 -23.87 14.60
N PRO B 365 18.76 -24.20 13.77
CA PRO B 365 19.81 -25.13 14.22
C PRO B 365 20.47 -24.76 15.53
N GLN B 366 20.79 -23.49 15.74
CA GLN B 366 21.53 -23.07 16.92
C GLN B 366 20.65 -22.86 18.15
N MET B 367 19.35 -23.10 18.06
CA MET B 367 18.47 -22.90 19.21
C MET B 367 18.43 -24.16 20.08
N GLU B 368 19.60 -24.46 20.63
CA GLU B 368 19.78 -25.64 21.45
C GLU B 368 21.07 -25.45 22.25
N LYS B 369 21.21 -26.29 23.27
CA LYS B 369 22.36 -26.20 24.16
C LYS B 369 22.65 -27.60 24.68
N ASP B 370 23.91 -28.02 24.60
CA ASP B 370 24.33 -29.33 25.08
C ASP B 370 23.47 -30.44 24.48
N GLY B 371 23.10 -30.27 23.22
CA GLY B 371 22.32 -31.25 22.49
C GLY B 371 20.83 -31.23 22.78
N LEU B 372 20.35 -30.29 23.57
CA LEU B 372 18.94 -30.24 23.96
C LEU B 372 18.29 -29.05 23.27
N ARG B 373 17.21 -29.31 22.53
CA ARG B 373 16.49 -28.21 21.88
C ARG B 373 15.89 -27.30 22.94
N ASP B 374 15.94 -25.99 22.70
CA ASP B 374 15.20 -25.08 23.57
C ASP B 374 13.73 -25.48 23.60
N ILE B 375 13.16 -25.65 22.40
CA ILE B 375 11.74 -25.92 22.18
C ILE B 375 11.64 -27.10 21.23
N ASP B 376 10.89 -28.13 21.63
CA ASP B 376 10.81 -29.34 20.85
C ASP B 376 9.61 -29.38 19.90
N ALA B 377 8.54 -28.64 20.19
CA ALA B 377 7.39 -28.59 19.32
C ALA B 377 6.66 -27.26 19.54
N VAL B 378 6.03 -26.77 18.48
CA VAL B 378 5.21 -25.58 18.53
C VAL B 378 3.92 -25.90 17.81
N ILE B 379 2.79 -25.74 18.50
CA ILE B 379 1.47 -25.90 17.86
C ILE B 379 0.74 -24.56 17.87
N THR B 380 0.01 -24.30 16.80
CA THR B 380 -0.73 -23.06 16.72
C THR B 380 -1.98 -23.13 17.57
N THR B 381 -2.61 -21.96 17.74
CA THR B 381 -3.91 -21.89 18.37
C THR B 381 -4.89 -22.85 17.71
N ARG B 382 -4.89 -22.89 16.37
CA ARG B 382 -5.79 -23.78 15.66
C ARG B 382 -5.47 -25.24 15.96
N GLU B 383 -4.18 -25.58 16.02
CA GLU B 383 -3.78 -26.95 16.32
C GLU B 383 -4.21 -27.36 17.72
N LEU B 384 -4.05 -26.47 18.71
CA LEU B 384 -4.48 -26.82 20.06
C LEU B 384 -5.99 -27.05 20.10
N ALA B 385 -6.77 -26.18 19.46
CA ALA B 385 -8.21 -26.37 19.42
C ALA B 385 -8.57 -27.73 18.86
N LYS B 386 -7.90 -28.14 17.77
CA LYS B 386 -8.14 -29.46 17.19
C LYS B 386 -7.81 -30.58 18.16
N MET B 387 -6.70 -30.45 18.88
CA MET B 387 -6.29 -31.50 19.81
C MET B 387 -7.29 -31.62 20.95
N ILE B 388 -7.80 -30.48 21.43
CA ILE B 388 -8.79 -30.49 22.49
C ILE B 388 -10.08 -31.15 22.01
N LYS B 389 -10.52 -30.80 20.81
CA LYS B 389 -11.74 -31.41 20.27
C LYS B 389 -11.55 -32.89 20.02
N ASP B 390 -10.42 -33.30 19.46
CA ASP B 390 -10.19 -34.71 19.21
C ASP B 390 -10.20 -35.53 20.49
N ALA B 391 -9.75 -34.95 21.60
CA ALA B 391 -9.70 -35.64 22.88
C ALA B 391 -11.04 -35.64 23.60
N LYS B 392 -12.05 -35.00 23.02
CA LYS B 392 -13.41 -34.98 23.57
C LYS B 392 -13.46 -34.23 24.90
N ILE B 393 -12.67 -33.17 25.00
CA ILE B 393 -12.65 -32.31 26.17
C ILE B 393 -13.71 -31.23 25.98
N PRO B 394 -14.66 -31.07 26.92
CA PRO B 394 -15.75 -30.08 26.78
C PRO B 394 -15.31 -28.68 27.19
N PHE B 395 -14.55 -28.05 26.28
CA PHE B 395 -13.78 -26.87 26.63
C PHE B 395 -14.63 -25.80 27.29
N ALA B 396 -15.75 -25.45 26.68
CA ALA B 396 -16.54 -24.33 27.17
C ALA B 396 -17.19 -24.61 28.52
N LYS B 397 -17.19 -25.86 28.98
CA LYS B 397 -17.80 -26.23 30.26
C LYS B 397 -16.76 -26.54 31.33
N LEU B 398 -15.48 -26.34 31.03
CA LEU B 398 -14.43 -26.70 31.98
C LEU B 398 -14.34 -25.68 33.12
N GLU B 399 -13.95 -26.18 34.29
CA GLU B 399 -13.62 -25.34 35.42
C GLU B 399 -12.25 -24.71 35.18
N ASP B 400 -12.05 -23.52 35.75
CA ASP B 400 -10.74 -22.90 35.69
C ASP B 400 -9.76 -23.60 36.62
N SER B 401 -8.51 -23.73 36.19
CA SER B 401 -7.42 -24.10 37.07
C SER B 401 -6.28 -23.11 36.84
N GLU B 402 -5.19 -23.33 37.56
CA GLU B 402 -4.04 -22.45 37.53
C GLU B 402 -2.86 -23.17 36.90
N ALA B 403 -1.90 -22.37 36.43
CA ALA B 403 -0.65 -22.93 35.97
C ALA B 403 0.20 -23.38 37.17
N ASP B 404 1.13 -24.27 36.89
CA ASP B 404 2.18 -24.57 37.87
C ASP B 404 3.07 -23.33 38.01
N PRO B 405 3.30 -22.87 39.24
CA PRO B 405 3.85 -21.50 39.39
C PRO B 405 5.31 -21.33 39.01
N ALA B 406 6.15 -22.36 39.10
CA ALA B 406 7.60 -22.15 39.05
C ALA B 406 8.02 -21.44 37.76
N MET B 407 7.40 -21.79 36.64
CA MET B 407 7.58 -21.03 35.40
C MET B 407 6.22 -20.73 34.75
N GLY B 408 5.22 -20.46 35.59
CA GLY B 408 3.87 -20.21 35.15
C GLY B 408 3.32 -18.87 35.58
N GLU B 409 3.88 -18.27 36.64
CA GLU B 409 3.44 -16.95 37.06
C GLU B 409 3.83 -15.92 36.00
N TYR B 410 2.99 -14.88 35.85
CA TYR B 410 3.38 -13.78 35.00
C TYR B 410 2.86 -12.45 35.52
N SER B 411 3.59 -11.39 35.18
CA SER B 411 3.19 -10.03 35.48
C SER B 411 2.34 -9.46 34.36
N GLY B 412 1.72 -8.31 34.65
CA GLY B 412 0.95 -7.63 33.64
C GLY B 412 1.77 -7.16 32.46
N ALA B 413 3.06 -6.90 32.69
CA ALA B 413 3.93 -6.50 31.58
C ALA B 413 4.07 -7.64 30.58
N GLY B 414 4.30 -8.85 31.07
CA GLY B 414 4.33 -10.00 30.19
C GLY B 414 3.00 -10.25 29.51
N ALA B 415 1.89 -9.95 30.20
CA ALA B 415 0.58 -10.27 29.67
C ALA B 415 0.28 -9.50 28.38
N ILE B 416 0.82 -8.30 28.20
CA ILE B 416 0.44 -7.47 27.06
C ILE B 416 1.35 -7.67 25.87
N PHE B 417 2.29 -8.61 25.94
CA PHE B 417 3.24 -8.83 24.85
C PHE B 417 2.50 -9.04 23.53
N GLY B 418 1.34 -9.69 23.57
CA GLY B 418 0.70 -10.09 22.33
C GLY B 418 0.06 -8.98 21.54
N ALA B 419 0.05 -7.76 22.05
CA ALA B 419 -0.51 -6.62 21.35
C ALA B 419 0.62 -5.71 20.87
N THR B 420 0.42 -5.10 19.71
CA THR B 420 1.40 -4.16 19.18
C THR B 420 1.66 -3.07 20.22
N GLY B 421 2.93 -2.87 20.54
CA GLY B 421 3.32 -1.91 21.56
C GLY B 421 3.44 -2.50 22.94
N GLY B 422 3.06 -3.77 23.12
CA GLY B 422 3.12 -4.37 24.44
C GLY B 422 4.55 -4.62 24.88
N VAL B 423 5.41 -5.11 23.99
CA VAL B 423 6.81 -5.31 24.35
C VAL B 423 7.43 -4.00 24.75
N MET B 424 7.17 -2.93 23.98
CA MET B 424 7.76 -1.64 24.27
C MET B 424 7.32 -1.16 25.64
N GLU B 425 6.02 -1.24 25.92
CA GLU B 425 5.51 -0.78 27.20
C GLU B 425 6.09 -1.62 28.34
N ALA B 426 6.10 -2.95 28.18
CA ALA B 426 6.66 -3.82 29.20
C ALA B 426 8.13 -3.50 29.45
N ALA B 427 8.88 -3.31 28.37
CA ALA B 427 10.31 -3.04 28.50
C ALA B 427 10.57 -1.71 29.20
N LEU B 428 9.78 -0.68 28.88
CA LEU B 428 10.01 0.61 29.53
C LEU B 428 9.69 0.56 31.01
N ARG B 429 8.65 -0.18 31.40
CA ARG B 429 8.34 -0.31 32.83
C ARG B 429 9.54 -0.81 33.65
N SER B 430 10.32 -1.74 33.07
CA SER B 430 11.47 -2.26 33.80
C SER B 430 12.72 -1.40 33.57
N ALA B 431 12.93 -0.93 32.34
CA ALA B 431 14.13 -0.15 32.04
C ALA B 431 14.19 1.12 32.88
N LYS B 432 13.04 1.80 33.04
CA LYS B 432 13.05 3.03 33.83
C LYS B 432 13.34 2.73 35.29
N ASP B 433 12.68 1.71 35.85
CA ASP B 433 12.98 1.30 37.22
C ASP B 433 14.45 0.92 37.39
N PHE B 434 15.00 0.16 36.44
CA PHE B 434 16.39 -0.25 36.53
C PHE B 434 17.33 0.96 36.46
N ALA B 435 17.15 1.80 35.44
CA ALA B 435 18.06 2.92 35.22
C ALA B 435 18.03 3.90 36.39
N GLU B 436 16.88 4.08 37.02
CA GLU B 436 16.73 5.03 38.11
C GLU B 436 16.80 4.36 39.48
N ASN B 437 17.05 3.05 39.52
CA ASN B 437 17.07 2.28 40.76
C ASN B 437 15.87 2.66 41.61
N ALA B 438 14.69 2.63 40.99
CA ALA B 438 13.49 3.14 41.60
C ALA B 438 12.35 2.16 41.38
N GLU B 439 11.24 2.42 42.05
CA GLU B 439 9.99 1.67 41.94
C GLU B 439 8.91 2.67 41.56
N LEU B 440 8.85 3.00 40.28
CA LEU B 440 7.95 4.05 39.83
C LEU B 440 6.51 3.56 39.77
N GLU B 441 5.58 4.48 40.02
CA GLU B 441 4.17 4.13 40.07
C GLU B 441 3.47 4.33 38.72
N ASP B 442 3.91 5.30 37.93
CA ASP B 442 3.29 5.58 36.63
C ASP B 442 3.91 4.63 35.60
N ILE B 443 3.11 3.68 35.10
CA ILE B 443 3.64 2.60 34.28
C ILE B 443 2.89 2.40 32.98
N GLU B 444 1.85 3.19 32.70
CA GLU B 444 1.04 2.99 31.50
C GLU B 444 1.55 3.90 30.38
N TYR B 445 1.97 3.30 29.27
CA TYR B 445 2.50 4.02 28.12
C TYR B 445 1.50 3.94 26.97
N LYS B 446 0.38 4.65 27.12
CA LYS B 446 -0.69 4.55 26.14
C LYS B 446 -0.29 5.08 24.78
N GLN B 447 0.73 5.92 24.72
CA GLN B 447 1.19 6.52 23.48
C GLN B 447 1.75 5.49 22.50
N VAL B 448 2.15 4.31 22.97
CA VAL B 448 2.68 3.30 22.06
C VAL B 448 1.64 2.24 21.71
N ARG B 449 0.43 2.35 22.22
CA ARG B 449 -0.63 1.40 21.99
C ARG B 449 -1.42 1.71 20.71
N GLY B 450 -2.20 0.72 20.26
CA GLY B 450 -3.17 0.92 19.20
C GLY B 450 -2.65 0.51 17.84
N LEU B 451 -3.51 0.72 16.84
CA LEU B 451 -3.34 0.13 15.52
C LEU B 451 -2.65 1.04 14.51
N ASN B 452 -2.22 2.23 14.90
CA ASN B 452 -1.43 3.02 13.96
C ASN B 452 -0.17 2.24 13.56
N GLY B 453 0.21 2.38 12.29
CA GLY B 453 1.25 1.52 11.73
C GLY B 453 2.63 1.83 12.25
N ILE B 454 2.89 3.09 12.54
CA ILE B 454 4.16 3.55 13.08
C ILE B 454 3.82 4.48 14.22
N LYS B 455 4.32 4.17 15.41
CA LYS B 455 4.05 4.92 16.61
C LYS B 455 5.37 5.31 17.23
N GLU B 456 5.50 6.59 17.61
CA GLU B 456 6.71 7.04 18.27
C GLU B 456 6.35 7.74 19.57
N ALA B 457 7.32 7.79 20.47
CA ALA B 457 7.15 8.47 21.74
C ALA B 457 8.52 8.89 22.24
N GLU B 458 8.54 9.97 23.00
CA GLU B 458 9.71 10.41 23.73
C GLU B 458 9.51 10.00 25.18
N VAL B 459 10.50 9.33 25.75
CA VAL B 459 10.42 8.86 27.12
C VAL B 459 11.63 9.42 27.88
N GLU B 460 11.41 9.71 29.15
CA GLU B 460 12.45 10.28 29.99
C GLU B 460 12.96 9.19 30.91
N ILE B 461 14.25 8.94 30.86
CA ILE B 461 14.90 7.94 31.71
C ILE B 461 16.08 8.62 32.38
N ASN B 462 16.07 8.67 33.70
CA ASN B 462 17.18 9.25 34.45
C ASN B 462 17.48 10.68 33.99
N ASN B 463 16.42 11.47 33.84
CA ASN B 463 16.52 12.89 33.49
C ASN B 463 17.07 13.12 32.10
N ASN B 464 17.09 12.09 31.25
CA ASN B 464 17.46 12.22 29.85
C ASN B 464 16.31 11.73 28.98
N LYS B 465 16.17 12.36 27.81
CA LYS B 465 15.08 12.03 26.89
C LYS B 465 15.58 11.04 25.84
N TYR B 466 14.76 10.02 25.56
CA TYR B 466 15.07 9.00 24.57
C TYR B 466 13.87 8.84 23.65
N ASN B 467 14.17 8.45 22.42
CA ASN B 467 13.15 8.28 21.38
C ASN B 467 12.93 6.80 21.13
N VAL B 468 11.67 6.39 21.18
CA VAL B 468 11.30 5.02 20.89
C VAL B 468 10.28 5.03 19.76
N ALA B 469 10.21 3.90 19.06
CA ALA B 469 9.22 3.72 18.00
C ALA B 469 8.67 2.30 18.11
N VAL B 470 7.40 2.17 17.75
CA VAL B 470 6.75 0.87 17.66
C VAL B 470 6.30 0.72 16.22
N ILE B 471 6.87 -0.27 15.55
CA ILE B 471 6.55 -0.58 14.17
C ILE B 471 5.57 -1.74 14.17
N ASN B 472 4.39 -1.51 13.59
CA ASN B 472 3.22 -2.37 13.72
C ASN B 472 2.93 -2.95 12.34
N GLY B 473 3.56 -4.09 12.02
CA GLY B 473 3.38 -4.74 10.74
C GLY B 473 4.59 -4.64 9.84
N ALA B 474 4.86 -5.73 9.12
CA ALA B 474 6.08 -5.76 8.30
C ALA B 474 6.08 -4.71 7.20
N SER B 475 4.92 -4.44 6.58
CA SER B 475 4.88 -3.39 5.57
C SER B 475 5.27 -2.03 6.14
N ASN B 476 4.98 -1.82 7.43
CA ASN B 476 5.34 -0.56 8.07
C ASN B 476 6.80 -0.49 8.43
N LEU B 477 7.47 -1.63 8.61
CA LEU B 477 8.93 -1.61 8.72
C LEU B 477 9.54 -1.10 7.43
N PHE B 478 9.09 -1.62 6.30
CA PHE B 478 9.58 -1.14 5.01
C PHE B 478 9.34 0.35 4.86
N LYS B 479 8.15 0.81 5.25
CA LYS B 479 7.85 2.24 5.13
C LYS B 479 8.80 3.07 6.00
N PHE B 480 8.94 2.66 7.26
CA PHE B 480 9.81 3.36 8.20
C PHE B 480 11.23 3.49 7.66
N MET B 481 11.76 2.41 7.10
CA MET B 481 13.12 2.40 6.61
C MET B 481 13.23 3.13 5.27
N LYS B 482 12.39 2.75 4.31
CA LYS B 482 12.56 3.27 2.95
C LYS B 482 12.29 4.77 2.87
N SER B 483 11.38 5.27 3.69
CA SER B 483 11.03 6.68 3.69
C SER B 483 12.07 7.55 4.39
N GLY B 484 13.03 6.93 5.04
CA GLY B 484 14.02 7.65 5.82
C GLY B 484 13.55 8.11 7.19
N MET B 485 12.37 7.67 7.64
CA MET B 485 11.90 8.07 8.96
C MET B 485 12.91 7.70 10.02
N ILE B 486 13.63 6.60 9.80
CA ILE B 486 14.67 6.15 10.71
C ILE B 486 15.72 7.23 10.93
N ASN B 487 15.85 8.19 10.01
CA ASN B 487 16.90 9.19 10.07
C ASN B 487 16.41 10.56 10.49
N GLU B 488 15.11 10.74 10.76
N GLU B 488 15.11 10.73 10.74
CA GLU B 488 14.62 12.02 11.20
CA GLU B 488 14.62 12.03 11.21
C GLU B 488 15.07 12.37 12.62
C GLU B 488 15.15 12.37 12.59
N LYS B 489 15.52 11.37 13.38
CA LYS B 489 16.00 11.59 14.74
C LYS B 489 16.76 10.35 15.14
N GLN B 490 17.43 10.44 16.28
CA GLN B 490 18.13 9.28 16.82
C GLN B 490 17.12 8.45 17.60
N TYR B 491 16.78 7.28 17.06
CA TYR B 491 15.96 6.34 17.81
C TYR B 491 16.86 5.49 18.68
N HIS B 492 16.36 5.19 19.87
CA HIS B 492 17.10 4.42 20.86
C HIS B 492 16.56 3.03 21.07
N PHE B 493 15.26 2.82 20.92
CA PHE B 493 14.65 1.51 21.13
C PHE B 493 13.45 1.41 20.22
N ILE B 494 13.42 0.35 19.41
CA ILE B 494 12.37 0.17 18.42
C ILE B 494 11.81 -1.25 18.55
N GLU B 495 10.50 -1.35 18.75
CA GLU B 495 9.80 -2.63 18.71
C GLU B 495 9.30 -2.84 17.29
N VAL B 496 9.46 -4.05 16.76
CA VAL B 496 8.95 -4.40 15.45
C VAL B 496 8.18 -5.70 15.57
N MET B 497 6.93 -5.69 15.09
CA MET B 497 6.09 -6.88 14.93
C MET B 497 5.75 -7.05 13.45
N ALA B 498 5.85 -8.27 12.95
CA ALA B 498 5.58 -8.50 11.54
C ALA B 498 4.08 -8.47 11.22
N CYS B 499 3.24 -8.85 12.18
CA CYS B 499 1.79 -8.93 11.96
C CYS B 499 1.14 -7.66 12.47
N HIS B 500 0.38 -6.99 11.61
CA HIS B 500 -0.31 -5.78 12.04
C HIS B 500 -1.29 -6.11 13.14
N GLY B 501 -1.25 -5.35 14.24
CA GLY B 501 -1.96 -5.67 15.45
C GLY B 501 -1.11 -6.35 16.50
N GLY B 502 0.04 -6.89 16.12
CA GLY B 502 0.83 -7.74 16.99
C GLY B 502 0.42 -9.20 16.86
N CYS B 503 0.91 -10.00 17.81
CA CYS B 503 0.69 -11.44 17.78
C CYS B 503 -0.79 -11.81 17.84
N VAL B 504 -1.65 -10.95 18.40
CA VAL B 504 -3.08 -11.31 18.40
C VAL B 504 -3.61 -11.50 16.98
N ASN B 505 -2.91 -10.96 15.96
CA ASN B 505 -3.28 -11.12 14.56
C ASN B 505 -2.31 -12.07 13.83
N GLY B 506 -1.71 -13.00 14.56
CA GLY B 506 -0.72 -13.88 13.98
C GLY B 506 -1.32 -14.89 13.02
N GLY B 507 -0.41 -15.54 12.29
CA GLY B 507 -0.75 -16.45 11.20
C GLY B 507 -1.26 -17.81 11.66
N GLY B 508 -1.13 -18.15 12.95
CA GLY B 508 -1.67 -19.37 13.50
C GLY B 508 -2.97 -19.18 14.25
N GLN B 509 -3.58 -18.02 14.15
CA GLN B 509 -4.80 -17.69 14.89
C GLN B 509 -6.04 -18.25 14.20
N PRO B 510 -7.16 -18.28 14.92
CA PRO B 510 -8.41 -18.72 14.30
C PRO B 510 -8.78 -17.86 13.10
N HIS B 511 -9.21 -18.52 12.03
CA HIS B 511 -9.78 -17.81 10.90
C HIS B 511 -11.06 -17.11 11.32
N VAL B 512 -11.28 -15.94 10.73
CA VAL B 512 -12.49 -15.16 10.93
C VAL B 512 -13.06 -14.88 9.55
N ASN B 513 -14.32 -15.21 9.34
CA ASN B 513 -14.87 -15.03 8.00
C ASN B 513 -15.03 -13.54 7.70
N PRO B 514 -14.92 -13.13 6.44
CA PRO B 514 -14.93 -11.69 6.13
C PRO B 514 -16.14 -10.93 6.67
N LYS B 515 -17.31 -11.56 6.79
CA LYS B 515 -18.45 -10.83 7.32
C LYS B 515 -18.23 -10.48 8.79
N ASP B 516 -17.79 -11.45 9.59
CA ASP B 516 -17.51 -11.18 10.99
C ASP B 516 -16.44 -10.12 11.15
N LEU B 517 -15.50 -10.06 10.21
CA LEU B 517 -14.42 -9.07 10.29
C LEU B 517 -14.95 -7.65 10.14
N GLU B 518 -16.08 -7.47 9.45
CA GLU B 518 -16.67 -6.16 9.31
C GLU B 518 -17.58 -5.82 10.48
N LYS B 519 -17.88 -6.79 11.36
CA LYS B 519 -18.62 -6.53 12.60
C LYS B 519 -17.72 -6.38 13.81
N VAL B 520 -16.58 -7.07 13.83
CA VAL B 520 -15.70 -7.14 14.98
C VAL B 520 -14.32 -6.63 14.56
N ASP B 521 -13.76 -5.71 15.35
CA ASP B 521 -12.35 -5.34 15.20
C ASP B 521 -11.53 -6.40 15.94
N ILE B 522 -11.11 -7.42 15.18
CA ILE B 522 -10.50 -8.59 15.80
C ILE B 522 -9.21 -8.22 16.52
N LYS B 523 -8.43 -7.30 15.93
CA LYS B 523 -7.14 -6.93 16.53
C LYS B 523 -7.34 -6.23 17.88
N LYS B 524 -8.32 -5.33 17.97
CA LYS B 524 -8.57 -4.63 19.22
C LYS B 524 -9.27 -5.51 20.24
N VAL B 525 -10.20 -6.35 19.79
CA VAL B 525 -10.96 -7.15 20.74
C VAL B 525 -10.07 -8.21 21.39
N ARG B 526 -9.21 -8.84 20.59
CA ARG B 526 -8.26 -9.79 21.17
C ARG B 526 -7.28 -9.08 22.09
N ALA B 527 -6.74 -7.92 21.66
CA ALA B 527 -5.78 -7.21 22.50
C ALA B 527 -6.41 -6.76 23.81
N SER B 528 -7.71 -6.43 23.80
CA SER B 528 -8.36 -5.94 25.02
C SER B 528 -8.30 -6.96 26.15
N VAL B 529 -8.36 -8.25 25.83
CA VAL B 529 -8.21 -9.28 26.84
C VAL B 529 -6.87 -9.12 27.55
N LEU B 530 -5.81 -8.87 26.80
CA LEU B 530 -4.49 -8.81 27.39
C LEU B 530 -4.34 -7.57 28.28
N TYR B 531 -4.79 -6.42 27.81
CA TYR B 531 -4.71 -5.21 28.60
C TYR B 531 -5.59 -5.31 29.85
N ASN B 532 -6.72 -5.98 29.75
CA ASN B 532 -7.57 -6.20 30.92
C ASN B 532 -6.85 -7.04 31.97
N GLN B 533 -6.08 -8.06 31.53
CA GLN B 533 -5.31 -8.82 32.49
C GLN B 533 -4.30 -7.94 33.20
N ASP B 534 -3.55 -7.15 32.44
CA ASP B 534 -2.57 -6.24 33.01
C ASP B 534 -3.20 -5.35 34.07
N GLU B 535 -4.35 -4.76 33.74
CA GLU B 535 -5.02 -3.85 34.68
C GLU B 535 -5.39 -4.55 35.98
N HIS B 536 -5.60 -5.86 35.98
CA HIS B 536 -6.08 -6.54 37.17
C HIS B 536 -5.03 -7.38 37.89
N LEU B 537 -3.85 -7.54 37.32
CA LEU B 537 -2.80 -8.29 38.00
C LEU B 537 -2.16 -7.42 39.09
N SER B 538 -1.77 -8.07 40.18
CA SER B 538 -1.14 -7.32 41.27
C SER B 538 0.26 -6.88 40.88
N LYS B 539 1.00 -7.72 40.15
CA LYS B 539 2.31 -7.37 39.64
C LYS B 539 2.19 -6.98 38.17
N ARG B 540 2.66 -5.78 37.83
CA ARG B 540 2.58 -5.23 36.49
C ARG B 540 3.95 -4.86 35.95
N LYS B 541 5.01 -5.34 36.58
CA LYS B 541 6.37 -5.19 36.08
C LYS B 541 7.04 -6.55 36.06
N SER B 542 7.78 -6.84 34.98
CA SER B 542 8.36 -8.16 34.80
C SER B 542 9.27 -8.53 35.96
N HIS B 543 9.99 -7.56 36.51
CA HIS B 543 10.96 -7.85 37.56
C HIS B 543 10.32 -7.97 38.94
N GLU B 544 8.99 -7.91 39.01
CA GLU B 544 8.26 -8.19 40.25
C GLU B 544 7.58 -9.54 40.25
N ASN B 545 7.71 -10.30 39.17
CA ASN B 545 7.23 -11.67 39.07
C ASN B 545 8.00 -12.50 40.10
N THR B 546 7.32 -12.96 41.15
CA THR B 546 8.03 -13.57 42.28
C THR B 546 8.71 -14.87 41.89
N ALA B 547 8.05 -15.72 41.09
CA ALA B 547 8.71 -16.92 40.61
C ALA B 547 9.92 -16.61 39.76
N LEU B 548 9.80 -15.58 38.91
CA LEU B 548 10.95 -15.19 38.11
C LEU B 548 12.09 -14.71 39.00
N VAL B 549 11.77 -13.89 39.99
CA VAL B 549 12.82 -13.40 40.91
C VAL B 549 13.53 -14.57 41.57
N LYS B 550 12.78 -15.58 42.01
CA LYS B 550 13.41 -16.74 42.64
C LYS B 550 14.33 -17.46 41.66
N MET B 551 13.94 -17.56 40.40
CA MET B 551 14.80 -18.27 39.46
C MET B 551 16.09 -17.50 39.20
N TYR B 552 16.02 -16.17 39.09
CA TYR B 552 17.26 -15.41 38.93
C TYR B 552 18.11 -15.47 40.19
N GLN B 553 17.48 -15.35 41.36
CA GLN B 553 18.22 -15.39 42.62
C GLN B 553 18.91 -16.73 42.83
N ASN B 554 18.23 -17.83 42.50
CA ASN B 554 18.74 -19.16 42.82
C ASN B 554 19.51 -19.81 41.69
N TYR B 555 19.39 -19.31 40.46
CA TYR B 555 19.99 -20.06 39.36
C TYR B 555 20.76 -19.20 38.36
N PHE B 556 20.12 -18.19 37.77
CA PHE B 556 20.80 -17.43 36.71
C PHE B 556 21.64 -16.28 37.22
N GLY B 557 21.37 -15.77 38.41
CA GLY B 557 22.05 -14.58 38.87
C GLY B 557 21.50 -13.32 38.22
N LYS B 558 22.35 -12.30 38.15
CA LYS B 558 21.95 -11.01 37.61
C LYS B 558 21.67 -11.11 36.10
N PRO B 559 20.58 -10.50 35.64
CA PRO B 559 20.31 -10.48 34.19
C PRO B 559 21.36 -9.69 33.43
N GLY B 560 21.52 -10.05 32.16
CA GLY B 560 22.36 -9.30 31.25
C GLY B 560 23.83 -9.56 31.37
N GLU B 561 24.25 -10.38 32.33
CA GLU B 561 25.66 -10.65 32.56
C GLU B 561 25.83 -12.12 32.90
N GLY B 562 27.09 -12.54 32.99
CA GLY B 562 27.41 -13.82 33.58
C GLY B 562 26.60 -14.95 32.96
N ARG B 563 26.06 -15.80 33.82
CA ARG B 563 25.37 -17.00 33.34
C ARG B 563 24.13 -16.63 32.53
N ALA B 564 23.39 -15.60 32.96
CA ALA B 564 22.21 -15.20 32.22
C ALA B 564 22.57 -14.83 30.78
N HIS B 565 23.65 -14.08 30.59
CA HIS B 565 23.99 -13.71 29.22
C HIS B 565 24.49 -14.90 28.43
N GLU B 566 25.22 -15.82 29.07
CA GLU B 566 25.71 -16.97 28.34
C GLU B 566 24.58 -17.89 27.88
N ILE B 567 23.55 -18.05 28.70
CA ILE B 567 22.53 -19.06 28.46
C ILE B 567 21.32 -18.48 27.73
N LEU B 568 20.91 -17.26 28.08
CA LEU B 568 19.60 -16.78 27.65
C LEU B 568 19.65 -15.82 26.48
N HIS B 569 20.81 -15.62 25.89
CA HIS B 569 20.94 -14.72 24.76
C HIS B 569 21.32 -15.46 23.50
N PHE B 570 21.19 -14.75 22.39
CA PHE B 570 21.37 -15.31 21.06
C PHE B 570 21.70 -14.16 20.14
N LYS B 571 22.66 -14.34 19.26
CA LYS B 571 23.01 -13.26 18.35
C LYS B 571 22.91 -13.72 16.91
N TYR B 572 22.36 -12.85 16.07
CA TYR B 572 22.32 -13.10 14.64
C TYR B 572 23.56 -12.52 13.97
N LYS B 573 24.22 -13.38 13.22
CA LYS B 573 25.60 -13.22 12.81
C LYS B 573 25.65 -13.10 11.30
FE1 402 C . -0.47 12.40 -21.47
FE2 402 C . 0.11 11.82 -23.88
S1 402 C . -1.73 11.03 -22.77
S2 402 C . 1.31 11.04 -22.06
O3 402 C . 1.40 14.26 -20.20
N4 402 C . -2.90 14.23 -21.33
O5 402 C . 0.04 14.62 -23.43
N6 402 C . 2.85 12.54 -25.03
O7 402 C . -1.54 12.52 -26.18
C3 402 C . 0.55 13.58 -20.71
C4 402 C . -1.91 13.51 -21.37
C5 402 C . -0.09 13.55 -22.95
C6 402 C . 1.83 12.35 -24.57
C7 402 C . -0.86 12.32 -25.26
C2 402 C . 0.89 9.21 -21.76
N1 402 C . -0.14 8.72 -22.73
C1 402 C . -1.46 9.24 -22.33
FE1 SF4 D . 3.10 12.01 -17.20
FE2 SF4 D . 1.62 10.77 -15.31
FE3 SF4 D . 2.77 9.35 -17.27
FE4 SF4 D . 0.70 10.99 -17.90
S1 SF4 D . 0.61 9.15 -16.50
S2 SF4 D . 2.69 10.81 -19.03
S3 SF4 D . 1.04 12.68 -16.47
S4 SF4 D . 3.85 10.47 -15.70
FE1 SF4 E . 7.22 10.64 -8.35
FE2 SF4 E . 8.25 9.90 -5.90
FE3 SF4 E . 8.02 12.53 -6.53
FE4 SF4 E . 9.93 10.95 -7.73
S1 SF4 E . 9.84 11.53 -5.55
S2 SF4 E . 8.54 12.49 -8.74
S3 SF4 E . 8.77 8.97 -7.93
S4 SF4 E . 6.28 11.07 -6.30
FE1 SF4 F . 5.81 19.92 0.67
FE2 SF4 F . 5.34 18.78 3.13
FE3 SF4 F . 7.82 19.81 2.54
FE4 SF4 F . 6.98 17.55 1.32
S1 SF4 F . 7.36 17.78 3.54
S2 SF4 F . 8.01 19.35 0.31
S3 SF4 F . 4.72 17.92 1.09
S4 SF4 F . 5.85 20.98 2.73
FE1 SF4 G . 4.30 30.24 2.14
FE2 SF4 G . 1.90 29.62 1.00
FE3 SF4 G . 3.85 30.75 -0.54
FE4 SF4 G . 2.61 32.24 1.37
S1 SF4 G . 1.67 31.34 -0.48
S2 SF4 G . 4.86 32.14 0.99
S3 SF4 G . 2.23 30.67 2.99
S4 SF4 G . 3.94 28.69 0.47
FE1 FES H . -3.32 15.18 12.30
FE2 FES H . -1.16 16.29 11.14
S1 FES H . -1.25 15.12 13.02
S2 FES H . -3.27 16.51 10.54
MG MG I . 7.35 35.73 -31.75
C1 GOL J . 16.42 23.59 -31.76
O1 GOL J . 15.45 22.58 -31.95
C2 GOL J . 16.03 24.91 -32.55
O2 GOL J . 15.84 24.68 -33.89
C3 GOL J . 14.78 25.51 -31.89
O3 GOL J . 14.25 26.54 -32.76
H11 GOL J . 16.52 23.82 -30.83
H12 GOL J . 17.29 23.31 -32.07
HO1 GOL J . 15.31 22.23 -31.18
H2 GOL J . 16.78 25.53 -32.46
HO2 GOL J . 16.36 25.19 -34.33
H31 GOL J . 14.15 24.79 -31.72
H32 GOL J . 15.03 25.84 -31.02
HO3 GOL J . 13.64 26.95 -32.32
MG MG K . -0.43 7.86 11.17
CL CL L . -2.72 24.73 -40.49
CL CL M . 18.54 9.60 -24.29
FE1 402 N . 3.99 -13.48 20.42
FE2 402 N . 5.85 -13.58 22.14
S1 402 N . 4.38 -11.85 21.97
S2 402 N . 6.21 -13.24 19.88
O3 402 N . 3.73 -15.81 18.64
N4 402 N . 1.27 -13.90 21.70
O5 402 N . 4.20 -15.91 22.19
N6 402 N . 8.00 -15.75 21.91
O7 402 N . 5.46 -13.71 25.02
C3 402 N . 3.94 -14.90 19.41
C4 402 N . 2.33 -13.72 21.17
C5 402 N . 4.43 -14.85 21.68
C6 402 N . 7.18 -14.99 22.07
C7 402 N . 5.69 -13.69 23.88
C2 402 N . 6.60 -11.45 19.48
N1 402 N . 6.57 -10.64 20.73
C1 402 N . 5.23 -10.35 21.28
FE1 SF4 O . 4.65 -14.31 14.95
FE2 SF4 O . 3.25 -12.21 13.88
FE3 SF4 O . 5.80 -11.88 14.81
FE4 SF4 O . 3.77 -12.37 16.58
S1 SF4 O . 3.96 -10.51 15.20
S2 SF4 O . 5.86 -13.34 16.57
S3 SF4 O . 2.45 -13.77 15.47
S4 SF4 O . 5.22 -13.15 13.03
FE1 SF4 P . 3.93 -13.94 5.17
FE2 SF4 P . 3.85 -13.45 2.42
FE3 SF4 P . 2.68 -15.69 3.46
FE4 SF4 P . 5.41 -15.43 3.37
S1 SF4 P . 4.02 -15.57 1.59
S2 SF4 P . 4.14 -16.22 5.12
S3 SF4 P . 5.67 -13.22 3.81
S4 SF4 P . 2.06 -13.51 3.86
FE1 SF4 Q . -5.98 -19.86 -0.71
FE2 SF4 Q . -7.01 -18.28 -2.77
FE3 SF4 Q . -5.41 -20.49 -3.33
FE4 SF4 Q . -4.30 -18.31 -2.16
S1 SF4 Q . -5.23 -18.38 -4.26
S2 SF4 Q . -3.98 -20.50 -1.58
S3 SF4 Q . -5.99 -17.57 -0.82
S4 SF4 Q . -7.49 -20.51 -2.34
FE1 SF4 R . -12.85 -27.85 0.18
FE2 SF4 R . -13.68 -26.32 2.22
FE3 SF4 R . -12.05 -28.46 2.71
FE4 SF4 R . -14.65 -28.88 1.93
S1 SF4 R . -13.96 -27.87 3.88
S2 SF4 R . -12.80 -29.92 1.07
S3 SF4 R . -14.96 -27.12 0.51
S4 SF4 R . -11.48 -26.57 1.53
FE1 FES S . -16.11 -9.51 -6.63
FE2 FES S . -14.53 -11.70 -6.63
S1 FES S . -15.00 -10.37 -8.32
S2 FES S . -15.74 -10.91 -4.97
MG MG T . 3.15 -38.78 28.94
C1 GOL U . 15.64 -32.88 22.66
O1 GOL U . 15.43 -31.56 23.16
C2 GOL U . 14.98 -33.97 23.57
O2 GOL U . 15.73 -34.21 24.70
C3 GOL U . 13.56 -33.52 23.96
O3 GOL U . 13.05 -34.47 24.92
H11 GOL U . 15.27 -32.98 21.76
H12 GOL U . 16.58 -33.08 22.59
HO1 GOL U . 16.14 -31.34 23.55
H2 GOL U . 14.93 -34.78 23.04
HO2 GOL U . 15.57 -33.56 25.25
H31 GOL U . 13.60 -32.61 24.30
H32 GOL U . 13.02 -33.46 23.15
HO3 GOL U . 12.26 -34.69 24.66
MG MG V . -9.81 -4.79 -8.22
CL CL W . 5.62 -25.61 39.74
CL CL X . 20.32 -20.91 13.64
#